data_8V1F
#
_entry.id   8V1F
#
_cell.length_a   118.939
_cell.length_b   172.573
_cell.length_c   83.297
_cell.angle_alpha   90.00
_cell.angle_beta   90.00
_cell.angle_gamma   90.00
#
_symmetry.space_group_name_H-M   'C 2 2 21'
#
loop_
_entity.id
_entity.type
_entity.pdbx_description
1 polymer 'Transmembrane protease serine 2 non-catalytic chain'
2 polymer 'Transmembrane protease serine 2'
3 branched 2-acetamido-2-deoxy-beta-D-glucopyranose-(1-4)-2-acetamido-2-deoxy-beta-D-glucopyranose
4 branched 2-acetamido-2-deoxy-beta-D-glucopyranose-(1-4)-[alpha-L-fucopyranose-(1-6)]2-acetamido-2-deoxy-beta-D-glucopyranose
5 non-polymer TRIS(HYDROXYETHYL)AMINOMETHANE
6 non-polymer 'UNKNOWN ATOM OR ION'
7 non-polymer 1,2-ETHANEDIOL
8 non-polymer 6-oxidanylnaphthalene-2-carboximidamide
9 non-polymer DI(HYDROXYETHYL)ETHER
10 non-polymer 'CITRIC ACID'
11 non-polymer 'TETRAETHYLENE GLYCOL'
12 water water
#
loop_
_entity_poly.entity_id
_entity_poly.type
_entity_poly.pdbx_seq_one_letter_code
_entity_poly.pdbx_strand_id
1 'polypeptide(L)'
;AACVRLYGPNFILQVYSSQRKSWHPVCQDDWNENYGRAACRDMGYKNNFYSSQGIVDDSGSTSFMKLNTSAGNVDIYKKL
YHSDACSSKAVVSLRCIACGVNLNSDDDDK
;
A,C
2 'polypeptide(L)'
;IVGGESALPGAWPWQVSLHVQNVHVCGGSIITPEWIVTAAHCVEKPLNNPWHWTAFAGILRQSFMFYGAGYQVEKVISHP
NYDSKTKNNDIALMKLQKPLTFNDLVKPVCLPNPGMMLQPEQLCWISGWGATEEKGKTSEVLNAAKVLLIETQRCNSRYV
YDNLITPAMICAGFLQGNVDSCQGDSGGPLVTSKNNIWWLIGDTSWGSGCAKAYRPGVYGNVMVFTDWIYRQMRADGEFV
EHHHHHHHH
;
B,D
#
loop_
_chem_comp.id
_chem_comp.type
_chem_comp.name
_chem_comp.formula
7R8 non-polymer 6-oxidanylnaphthalene-2-carboximidamide 'C11 H10 N2 O'
CIT non-polymer 'CITRIC ACID' 'C6 H8 O7'
EDO non-polymer 1,2-ETHANEDIOL 'C2 H6 O2'
FUC L-saccharide, alpha linking alpha-L-fucopyranose 'C6 H12 O5'
NAG D-saccharide, beta linking 2-acetamido-2-deoxy-beta-D-glucopyranose 'C8 H15 N O6'
PEG non-polymer DI(HYDROXYETHYL)ETHER 'C4 H10 O3'
PG4 non-polymer 'TETRAETHYLENE GLYCOL' 'C8 H18 O5'
TAM non-polymer TRIS(HYDROXYETHYL)AMINOMETHANE 'C7 H17 N O3'
UNX non-polymer 'UNKNOWN ATOM OR ION' ?
#
# COMPACT_ATOMS: atom_id res chain seq x y z
N ALA A 2 9.00 -31.93 7.87
CA ALA A 2 10.30 -31.44 8.37
C ALA A 2 10.71 -30.15 7.64
N CYS A 3 9.84 -29.12 7.66
CA CYS A 3 10.19 -27.75 7.26
C CYS A 3 9.06 -26.73 7.52
N VAL A 4 9.49 -25.45 7.48
CA VAL A 4 8.80 -24.29 8.02
C VAL A 4 9.00 -23.14 7.00
N ARG A 5 8.02 -22.23 6.89
CA ARG A 5 8.24 -21.04 6.07
C ARG A 5 7.33 -19.92 6.56
N LEU A 6 7.56 -18.71 6.05
CA LEU A 6 6.73 -17.56 6.30
C LEU A 6 6.00 -17.21 5.00
N TYR A 7 4.69 -17.03 5.09
CA TYR A 7 3.89 -16.91 3.90
C TYR A 7 3.26 -15.52 3.81
N GLY A 8 3.51 -14.89 2.67
CA GLY A 8 2.85 -13.67 2.31
C GLY A 8 3.40 -12.49 3.07
N PRO A 9 2.78 -11.32 2.83
CA PRO A 9 3.29 -10.06 3.38
C PRO A 9 3.08 -9.91 4.88
N ASN A 10 2.26 -10.79 5.44
CA ASN A 10 1.97 -10.78 6.87
C ASN A 10 2.64 -11.96 7.58
N PHE A 11 3.55 -12.66 6.89
CA PHE A 11 4.49 -13.56 7.54
C PHE A 11 3.76 -14.66 8.33
N ILE A 12 2.82 -15.33 7.69
CA ILE A 12 2.10 -16.42 8.32
C ILE A 12 3.05 -17.61 8.36
N LEU A 13 3.33 -18.09 9.60
CA LEU A 13 4.06 -19.32 9.80
C LEU A 13 3.27 -20.50 9.22
N GLN A 14 3.93 -21.20 8.33
CA GLN A 14 3.34 -22.40 7.77
C GLN A 14 4.32 -23.55 7.97
N VAL A 15 3.76 -24.75 8.02
CA VAL A 15 4.50 -25.99 8.19
C VAL A 15 4.02 -26.94 7.10
N TYR A 16 4.96 -27.63 6.46
CA TYR A 16 4.62 -28.55 5.37
C TYR A 16 4.24 -29.92 5.92
N SER A 17 3.15 -30.49 5.37
CA SER A 17 2.70 -31.85 5.68
C SER A 17 3.16 -32.82 4.59
N SER A 18 3.99 -33.81 4.98
CA SER A 18 4.44 -34.86 4.06
C SER A 18 3.23 -35.66 3.55
N GLN A 19 2.32 -36.06 4.43
CA GLN A 19 1.08 -36.71 4.04
C GLN A 19 0.30 -35.79 3.11
N ARG A 20 -0.34 -34.74 3.66
CA ARG A 20 -1.27 -33.91 2.91
C ARG A 20 -0.59 -33.26 1.70
N LYS A 21 0.75 -33.35 1.61
CA LYS A 21 1.52 -32.83 0.46
C LYS A 21 1.22 -31.34 0.23
N SER A 22 1.09 -30.56 1.31
CA SER A 22 0.77 -29.13 1.22
C SER A 22 1.23 -28.38 2.47
N TRP A 23 1.11 -27.04 2.42
CA TRP A 23 1.52 -26.16 3.50
C TRP A 23 0.31 -25.73 4.27
N HIS A 24 0.43 -25.64 5.61
CA HIS A 24 -0.68 -25.26 6.45
C HIS A 24 -0.20 -24.22 7.45
N PRO A 25 -1.06 -23.25 7.79
CA PRO A 25 -0.74 -22.28 8.83
C PRO A 25 -0.78 -22.98 10.18
N VAL A 26 -0.16 -22.36 11.19
CA VAL A 26 -0.17 -22.92 12.53
C VAL A 26 -1.03 -22.03 13.43
N CYS A 27 -1.87 -22.68 14.26
CA CYS A 27 -2.79 -21.97 15.12
C CYS A 27 -1.98 -21.20 16.16
N GLN A 28 -2.54 -20.05 16.58
CA GLN A 28 -1.96 -19.27 17.67
C GLN A 28 -2.19 -19.99 19.01
N ASP A 29 -3.02 -21.04 19.03
CA ASP A 29 -3.36 -21.82 20.22
C ASP A 29 -2.10 -22.30 20.95
N ASP A 30 -1.86 -21.75 22.14
CA ASP A 30 -0.78 -22.16 23.03
C ASP A 30 0.59 -21.76 22.49
N TRP A 31 0.65 -20.93 21.44
CA TRP A 31 1.91 -20.51 20.88
C TRP A 31 2.50 -19.43 21.78
N ASN A 32 3.81 -19.28 21.73
CA ASN A 32 4.48 -18.20 22.43
C ASN A 32 5.81 -17.92 21.71
N GLU A 33 6.52 -16.92 22.24
CA GLU A 33 7.79 -16.47 21.71
C GLU A 33 8.85 -17.58 21.63
N ASN A 34 8.89 -18.52 22.57
CA ASN A 34 9.83 -19.63 22.51
C ASN A 34 9.62 -20.51 21.29
N TYR A 35 8.36 -20.80 20.96
CA TYR A 35 7.99 -21.55 19.77
C TYR A 35 8.37 -20.78 18.50
N GLY A 36 8.19 -19.46 18.52
CA GLY A 36 8.58 -18.62 17.40
C GLY A 36 10.11 -18.64 17.20
N ARG A 37 10.83 -18.65 18.32
CA ARG A 37 12.28 -18.58 18.27
C ARG A 37 12.80 -19.87 17.68
N ALA A 38 12.14 -20.95 18.05
CA ALA A 38 12.51 -22.24 17.51
C ALA A 38 12.27 -22.27 16.01
N ALA A 39 11.16 -21.64 15.57
CA ALA A 39 10.83 -21.64 14.15
C ALA A 39 11.87 -20.80 13.37
N CYS A 40 12.31 -19.70 13.96
CA CYS A 40 13.29 -18.81 13.36
C CYS A 40 14.65 -19.50 13.19
N ARG A 41 15.06 -20.23 14.24
CA ARG A 41 16.29 -21.01 14.22
C ARG A 41 16.19 -22.07 13.13
N ASP A 42 15.00 -22.64 12.91
CA ASP A 42 14.84 -23.64 11.86
C ASP A 42 14.96 -23.02 10.47
N MET A 43 14.79 -21.69 10.36
CA MET A 43 14.90 -20.99 9.08
C MET A 43 16.28 -20.34 8.96
N GLY A 44 17.19 -20.74 9.87
CA GLY A 44 18.57 -20.32 9.79
C GLY A 44 18.83 -18.98 10.45
N TYR A 45 17.85 -18.40 11.14
CA TYR A 45 18.08 -17.07 11.67
C TYR A 45 18.81 -17.10 13.02
N LYS A 46 19.34 -18.24 13.43
CA LYS A 46 20.20 -18.29 14.60
C LYS A 46 19.44 -17.67 15.77
N ASN A 47 19.97 -16.59 16.38
CA ASN A 47 19.41 -16.03 17.60
C ASN A 47 18.50 -14.85 17.29
N ASN A 48 18.28 -14.56 16.01
CA ASN A 48 17.38 -13.48 15.60
C ASN A 48 15.91 -13.85 15.87
N PHE A 49 15.20 -12.86 16.43
CA PHE A 49 13.75 -12.91 16.58
C PHE A 49 13.28 -11.46 16.61
N TYR A 50 12.17 -11.16 15.91
CA TYR A 50 11.65 -9.81 15.91
C TYR A 50 10.30 -9.77 16.62
N SER A 51 9.33 -10.55 16.16
CA SER A 51 7.99 -10.49 16.71
C SER A 51 7.16 -11.67 16.21
N SER A 52 6.18 -12.01 17.04
CA SER A 52 5.22 -13.05 16.77
C SER A 52 3.90 -12.59 17.39
N GLN A 53 2.81 -12.81 16.66
CA GLN A 53 1.49 -12.50 17.16
C GLN A 53 0.48 -13.29 16.37
N GLY A 54 -0.73 -13.41 16.93
CA GLY A 54 -1.83 -14.05 16.24
C GLY A 54 -2.44 -13.05 15.29
N ILE A 55 -2.94 -13.53 14.16
CA ILE A 55 -3.67 -12.73 13.21
C ILE A 55 -4.77 -13.63 12.66
N VAL A 56 -5.89 -13.00 12.31
CA VAL A 56 -7.00 -13.72 11.74
C VAL A 56 -6.60 -14.14 10.34
N ASP A 57 -6.70 -15.46 10.10
CA ASP A 57 -6.43 -16.03 8.79
C ASP A 57 -7.37 -15.39 7.78
N ASP A 58 -6.82 -14.96 6.65
CA ASP A 58 -7.63 -14.37 5.61
C ASP A 58 -7.74 -15.32 4.42
N SER A 59 -7.23 -16.55 4.52
CA SER A 59 -7.13 -17.41 3.34
C SER A 59 -8.26 -18.44 3.26
N GLY A 60 -9.25 -18.37 4.17
CA GLY A 60 -10.36 -19.32 4.21
C GLY A 60 -9.93 -20.76 4.52
N SER A 61 -8.76 -20.93 5.15
CA SER A 61 -8.10 -22.21 5.29
C SER A 61 -8.96 -23.10 6.19
N THR A 62 -9.02 -24.40 5.85
CA THR A 62 -9.75 -25.37 6.63
C THR A 62 -8.82 -26.43 7.23
N SER A 63 -7.51 -26.23 7.07
CA SER A 63 -6.53 -27.16 7.58
C SER A 63 -5.41 -26.38 8.28
N PHE A 64 -5.27 -26.62 9.59
CA PHE A 64 -4.25 -25.97 10.40
C PHE A 64 -3.34 -27.01 11.06
N MET A 65 -2.27 -26.50 11.69
CA MET A 65 -1.37 -27.26 12.53
C MET A 65 -1.47 -26.65 13.91
N LYS A 66 -1.83 -27.48 14.89
CA LYS A 66 -2.06 -27.03 16.25
C LYS A 66 -1.08 -27.74 17.21
N LEU A 67 -0.64 -26.98 18.23
CA LEU A 67 0.20 -27.50 19.28
C LEU A 67 -0.56 -28.51 20.14
N ASN A 68 -0.02 -29.73 20.25
CA ASN A 68 -0.41 -30.67 21.29
C ASN A 68 0.43 -30.35 22.51
N THR A 69 -0.15 -29.63 23.46
CA THR A 69 0.59 -29.23 24.64
C THR A 69 1.00 -30.41 25.53
N SER A 70 0.54 -31.63 25.24
CA SER A 70 0.92 -32.80 26.03
C SER A 70 1.93 -33.68 25.29
N ALA A 71 2.60 -33.15 24.27
CA ALA A 71 3.48 -33.98 23.47
C ALA A 71 4.76 -34.31 24.23
N GLY A 72 5.05 -33.60 25.32
CA GLY A 72 6.32 -33.79 25.99
C GLY A 72 7.48 -33.16 25.22
N ASN A 73 8.71 -33.61 25.49
CA ASN A 73 9.91 -32.90 25.10
C ASN A 73 10.39 -33.40 23.74
N VAL A 74 9.50 -33.36 22.76
CA VAL A 74 9.84 -33.63 21.38
C VAL A 74 9.96 -32.29 20.65
N ASP A 75 10.60 -32.33 19.47
CA ASP A 75 10.73 -31.14 18.67
C ASP A 75 9.34 -30.63 18.28
N ILE A 76 9.31 -29.36 17.88
CA ILE A 76 8.07 -28.63 17.78
C ILE A 76 7.27 -29.17 16.59
N TYR A 77 7.94 -29.51 15.49
CA TYR A 77 7.32 -30.25 14.41
C TYR A 77 6.49 -31.43 14.93
N LYS A 78 7.07 -32.25 15.81
CA LYS A 78 6.39 -33.44 16.33
C LYS A 78 5.29 -33.06 17.34
N LYS A 79 5.32 -31.86 17.92
CA LYS A 79 4.23 -31.43 18.78
C LYS A 79 2.96 -31.04 17.99
N LEU A 80 3.02 -30.88 16.66
CA LEU A 80 1.96 -30.25 15.90
C LEU A 80 1.10 -31.32 15.20
N TYR A 81 -0.23 -31.16 15.26
CA TYR A 81 -1.15 -32.05 14.60
C TYR A 81 -2.16 -31.26 13.78
N HIS A 82 -2.62 -31.89 12.71
CA HIS A 82 -3.72 -31.42 11.88
C HIS A 82 -4.94 -31.12 12.75
N SER A 83 -5.56 -30.00 12.44
CA SER A 83 -6.78 -29.56 13.08
C SER A 83 -7.55 -28.74 12.05
N ASP A 84 -8.87 -28.85 12.00
CA ASP A 84 -9.62 -28.10 11.00
C ASP A 84 -10.00 -26.73 11.57
N ALA A 85 -9.64 -26.43 12.82
CA ALA A 85 -9.90 -25.12 13.40
C ALA A 85 -8.89 -24.76 14.49
N CYS A 86 -8.75 -23.44 14.71
CA CYS A 86 -7.91 -22.87 15.74
C CYS A 86 -8.82 -22.26 16.80
N SER A 87 -8.73 -22.77 18.02
CA SER A 87 -9.50 -22.32 19.18
C SER A 87 -9.28 -20.84 19.47
N SER A 88 -8.08 -20.32 19.20
CA SER A 88 -7.79 -18.91 19.41
C SER A 88 -8.39 -18.04 18.30
N LYS A 89 -8.84 -18.67 17.20
CA LYS A 89 -9.39 -17.99 16.03
C LYS A 89 -8.31 -17.18 15.30
N ALA A 90 -7.02 -17.51 15.53
CA ALA A 90 -5.89 -16.79 14.99
C ALA A 90 -4.82 -17.80 14.57
N VAL A 91 -3.99 -17.38 13.59
CA VAL A 91 -2.83 -18.15 13.17
C VAL A 91 -1.59 -17.33 13.51
N VAL A 92 -0.41 -17.98 13.41
CA VAL A 92 0.82 -17.38 13.88
C VAL A 92 1.37 -16.48 12.78
N SER A 93 1.73 -15.27 13.21
CA SER A 93 2.46 -14.37 12.36
C SER A 93 3.79 -14.14 13.05
N LEU A 94 4.88 -14.38 12.31
CA LEU A 94 6.22 -14.49 12.88
C LEU A 94 7.21 -13.80 11.95
N ARG A 95 7.95 -12.85 12.52
CA ARG A 95 9.04 -12.20 11.86
C ARG A 95 10.31 -12.47 12.65
N CYS A 96 11.35 -13.01 11.99
CA CYS A 96 12.55 -13.43 12.70
C CYS A 96 13.55 -12.30 12.77
N ILE A 97 13.36 -11.24 11.98
CA ILE A 97 14.30 -10.16 12.00
C ILE A 97 13.59 -8.86 11.64
N ALA A 98 14.05 -7.76 12.25
CA ALA A 98 13.58 -6.44 11.86
C ALA A 98 14.26 -6.07 10.53
N CYS A 99 13.46 -5.94 9.46
CA CYS A 99 14.03 -5.79 8.14
C CYS A 99 13.08 -4.94 7.31
N GLY A 100 13.57 -4.43 6.20
CA GLY A 100 12.68 -3.87 5.19
C GLY A 100 12.21 -2.47 5.51
N VAL A 101 12.99 -1.74 6.31
CA VAL A 101 12.67 -0.32 6.64
C VAL A 101 13.86 0.56 6.26
N ASN A 102 13.58 1.74 5.74
CA ASN A 102 14.64 2.72 5.42
C ASN A 102 14.46 3.91 6.36
N LEU A 103 15.18 5.02 6.12
CA LEU A 103 15.11 6.20 7.01
C LEU A 103 13.75 6.87 6.83
N ASN A 104 13.18 6.77 5.62
CA ASN A 104 11.81 7.30 5.38
C ASN A 104 10.81 6.39 6.10
N SER A 105 10.66 5.15 5.64
CA SER A 105 9.74 4.17 6.26
C SER A 105 9.33 4.64 7.66
N ASP A 106 8.07 5.07 7.81
CA ASP A 106 7.59 5.58 9.12
C ASP A 106 6.39 4.74 9.57
N ILE B 1 23.80 1.88 -12.61
CA ILE B 1 22.39 2.37 -12.82
C ILE B 1 22.36 3.42 -13.92
N VAL B 2 21.62 3.13 -15.02
CA VAL B 2 21.40 4.06 -16.11
C VAL B 2 20.03 4.70 -15.89
N GLY B 3 20.01 6.04 -15.93
CA GLY B 3 18.77 6.80 -15.92
C GLY B 3 18.21 6.93 -14.51
N GLY B 4 19.10 6.77 -13.55
CA GLY B 4 18.76 6.99 -12.15
C GLY B 4 19.28 8.32 -11.62
N GLU B 5 19.22 8.45 -10.30
CA GLU B 5 19.73 9.61 -9.58
C GLU B 5 20.42 9.07 -8.34
N SER B 6 21.36 9.85 -7.83
CA SER B 6 22.15 9.45 -6.69
C SER B 6 21.28 9.25 -5.44
N ALA B 7 21.62 8.22 -4.63
CA ALA B 7 20.80 7.90 -3.47
C ALA B 7 21.24 8.75 -2.29
N LEU B 8 20.26 9.14 -1.47
CA LEU B 8 20.52 9.71 -0.16
C LEU B 8 20.98 8.64 0.83
N PRO B 9 21.72 9.05 1.90
CA PRO B 9 22.08 8.11 2.97
C PRO B 9 20.86 7.50 3.61
N GLY B 10 20.91 6.19 3.86
CA GLY B 10 19.82 5.51 4.56
C GLY B 10 18.60 5.14 3.68
N ALA B 11 18.57 5.63 2.43
CA ALA B 11 17.51 5.25 1.51
C ALA B 11 17.57 3.76 1.19
N TRP B 12 18.79 3.23 1.04
CA TRP B 12 18.95 1.82 0.70
C TRP B 12 19.96 1.19 1.63
N PRO B 13 19.60 1.05 2.94
CA PRO B 13 20.55 0.68 3.97
C PRO B 13 21.12 -0.72 3.84
N TRP B 14 20.45 -1.56 3.01
CA TRP B 14 20.84 -2.94 2.78
C TRP B 14 21.93 -3.02 1.71
N GLN B 15 22.07 -1.98 0.90
CA GLN B 15 23.02 -2.00 -0.20
C GLN B 15 24.46 -2.05 0.34
N VAL B 16 25.23 -3.04 -0.16
CA VAL B 16 26.66 -3.08 0.04
C VAL B 16 27.40 -3.10 -1.30
N SER B 17 28.67 -2.69 -1.18
CA SER B 17 29.70 -2.68 -2.21
C SER B 17 30.71 -3.77 -1.86
N LEU B 18 30.87 -4.72 -2.78
CA LEU B 18 31.74 -5.84 -2.60
C LEU B 18 33.01 -5.57 -3.40
N HIS B 19 34.12 -5.54 -2.65
CA HIS B 19 35.41 -5.10 -3.16
C HIS B 19 36.27 -6.34 -3.25
N VAL B 20 37.05 -6.40 -4.34
CA VAL B 20 38.23 -7.24 -4.42
C VAL B 20 39.41 -6.33 -4.75
N GLN B 21 40.55 -6.58 -4.11
CA GLN B 21 41.75 -5.79 -4.34
C GLN B 21 41.45 -4.30 -4.22
N ASN B 22 40.61 -3.95 -3.24
CA ASN B 22 40.34 -2.56 -2.87
C ASN B 22 39.52 -1.82 -3.91
N VAL B 23 38.81 -2.55 -4.80
CA VAL B 23 37.96 -1.91 -5.80
C VAL B 23 36.61 -2.63 -5.88
N HIS B 24 35.58 -1.84 -6.14
CA HIS B 24 34.23 -2.33 -6.30
C HIS B 24 34.18 -3.31 -7.48
N VAL B 25 33.62 -4.49 -7.26
CA VAL B 25 33.36 -5.41 -8.36
C VAL B 25 31.85 -5.52 -8.56
N CYS B 26 31.08 -5.68 -7.47
CA CYS B 26 29.65 -5.97 -7.53
CA CYS B 26 29.65 -5.86 -7.56
C CYS B 26 28.94 -5.44 -6.30
N GLY B 27 27.60 -5.40 -6.39
CA GLY B 27 26.76 -5.11 -5.25
C GLY B 27 26.27 -6.34 -4.49
N GLY B 28 25.60 -6.06 -3.38
CA GLY B 28 24.98 -7.07 -2.57
C GLY B 28 23.92 -6.44 -1.68
N SER B 29 23.10 -7.32 -1.08
CA SER B 29 22.01 -6.93 -0.20
C SER B 29 22.18 -7.65 1.13
N ILE B 30 22.23 -6.84 2.20
CA ILE B 30 22.23 -7.33 3.55
C ILE B 30 20.90 -7.98 3.90
N ILE B 31 20.98 -9.19 4.48
CA ILE B 31 19.77 -9.86 4.94
C ILE B 31 19.83 -10.18 6.44
N THR B 32 21.03 -10.46 6.96
CA THR B 32 21.23 -10.51 8.41
C THR B 32 22.53 -9.81 8.73
N PRO B 33 22.96 -9.71 10.02
CA PRO B 33 24.23 -9.04 10.33
C PRO B 33 25.44 -9.69 9.67
N GLU B 34 25.29 -10.95 9.23
CA GLU B 34 26.39 -11.72 8.72
C GLU B 34 26.19 -12.10 7.26
N TRP B 35 24.96 -12.03 6.75
CA TRP B 35 24.68 -12.61 5.47
C TRP B 35 24.29 -11.58 4.41
N ILE B 36 24.91 -11.71 3.24
CA ILE B 36 24.69 -10.85 2.09
C ILE B 36 24.26 -11.71 0.89
N VAL B 37 23.23 -11.26 0.17
CA VAL B 37 22.80 -11.86 -1.09
C VAL B 37 23.49 -11.12 -2.23
N THR B 38 24.17 -11.88 -3.10
CA THR B 38 24.86 -11.33 -4.27
C THR B 38 24.62 -12.29 -5.44
N ALA B 39 25.33 -12.03 -6.55
CA ALA B 39 25.22 -12.87 -7.74
C ALA B 39 26.37 -13.89 -7.76
N ALA B 40 26.08 -15.10 -8.24
CA ALA B 40 27.04 -16.17 -8.41
C ALA B 40 28.10 -15.77 -9.42
N HIS B 41 27.68 -15.07 -10.48
CA HIS B 41 28.59 -14.70 -11.56
C HIS B 41 29.69 -13.76 -11.07
N CYS B 42 29.45 -13.04 -9.95
CA CYS B 42 30.50 -12.18 -9.41
C CYS B 42 31.61 -12.97 -8.74
N VAL B 43 31.28 -14.15 -8.21
CA VAL B 43 32.22 -14.94 -7.41
C VAL B 43 32.69 -16.18 -8.18
N GLU B 44 32.55 -16.20 -9.51
CA GLU B 44 33.18 -17.22 -10.35
C GLU B 44 34.69 -17.13 -10.14
N LYS B 45 35.39 -18.25 -10.42
CA LYS B 45 36.84 -18.32 -10.43
C LYS B 45 37.35 -17.30 -11.45
N PRO B 46 38.44 -16.54 -11.14
CA PRO B 46 39.24 -16.79 -9.94
C PRO B 46 38.89 -16.03 -8.66
N LEU B 47 37.60 -15.66 -8.47
CA LEU B 47 37.17 -14.93 -7.28
C LEU B 47 36.18 -15.71 -6.44
N ASN B 48 36.31 -17.05 -6.43
CA ASN B 48 35.45 -17.95 -5.66
C ASN B 48 35.83 -17.95 -4.19
N ASN B 49 37.08 -17.60 -3.85
CA ASN B 49 37.51 -17.74 -2.47
C ASN B 49 37.15 -16.47 -1.70
N PRO B 50 36.67 -16.64 -0.45
CA PRO B 50 36.27 -15.52 0.40
C PRO B 50 37.29 -14.47 0.76
N TRP B 51 38.56 -14.85 0.72
CA TRP B 51 39.60 -13.99 1.27
C TRP B 51 39.76 -12.75 0.36
N HIS B 52 39.33 -12.86 -0.92
CA HIS B 52 39.34 -11.74 -1.86
C HIS B 52 38.41 -10.60 -1.45
N TRP B 53 37.33 -10.90 -0.71
CA TRP B 53 36.17 -10.02 -0.68
C TRP B 53 36.04 -9.24 0.62
N THR B 54 35.78 -7.94 0.50
CA THR B 54 35.38 -7.11 1.62
C THR B 54 34.05 -6.44 1.25
N ALA B 55 33.18 -6.26 2.25
CA ALA B 55 31.90 -5.59 2.04
C ALA B 55 31.88 -4.21 2.71
N PHE B 56 31.34 -3.22 2.01
CA PHE B 56 31.14 -1.87 2.52
C PHE B 56 29.66 -1.50 2.59
N ALA B 57 29.18 -1.34 3.84
CA ALA B 57 27.84 -0.94 4.19
C ALA B 57 27.83 0.49 4.74
N GLY B 58 26.79 1.26 4.39
CA GLY B 58 26.48 2.52 5.04
C GLY B 58 27.32 3.66 4.47
N ILE B 59 27.91 3.42 3.28
CA ILE B 59 28.77 4.40 2.63
C ILE B 59 28.38 4.56 1.16
N LEU B 60 28.09 5.79 0.78
CA LEU B 60 27.57 6.07 -0.55
C LEU B 60 28.68 6.27 -1.58
N ARG B 61 29.90 6.67 -1.15
CA ARG B 61 30.98 7.07 -2.04
C ARG B 61 32.11 6.03 -2.06
N GLN B 62 32.50 5.61 -3.25
CA GLN B 62 33.52 4.58 -3.39
C GLN B 62 34.83 5.05 -2.78
N SER B 63 35.14 6.34 -2.93
CA SER B 63 36.44 6.80 -2.46
C SER B 63 36.52 6.77 -0.94
N PHE B 64 35.38 6.62 -0.26
CA PHE B 64 35.39 6.51 1.20
C PHE B 64 35.50 5.06 1.66
N MET B 65 35.65 4.13 0.72
CA MET B 65 35.63 2.71 0.98
C MET B 65 37.03 2.13 0.86
N PHE B 66 37.81 2.35 1.89
CA PHE B 66 39.23 2.07 1.78
C PHE B 66 39.50 0.97 2.80
N TYR B 67 40.60 0.25 2.54
CA TYR B 67 41.05 -0.87 3.33
C TYR B 67 40.95 -0.54 4.82
N GLY B 68 40.19 -1.36 5.57
CA GLY B 68 39.98 -1.17 6.99
C GLY B 68 38.58 -0.68 7.33
N ALA B 69 38.01 0.24 6.53
CA ALA B 69 36.65 0.75 6.70
C ALA B 69 35.59 -0.31 6.34
N GLY B 70 36.01 -1.53 5.94
CA GLY B 70 35.15 -2.50 5.29
C GLY B 70 35.16 -3.81 6.05
N TYR B 71 34.47 -4.85 5.53
CA TYR B 71 34.16 -6.07 6.25
C TYR B 71 34.60 -7.31 5.49
N GLN B 72 35.54 -8.02 6.11
CA GLN B 72 36.07 -9.21 5.51
C GLN B 72 34.94 -10.24 5.45
N VAL B 73 34.83 -10.83 4.26
CA VAL B 73 33.98 -11.95 3.96
C VAL B 73 34.70 -13.22 4.37
N GLU B 74 33.94 -14.16 4.98
CA GLU B 74 34.42 -15.39 5.52
C GLU B 74 34.00 -16.56 4.63
N LYS B 75 32.81 -16.53 4.02
CA LYS B 75 32.39 -17.57 3.09
C LYS B 75 31.71 -16.98 1.87
N VAL B 76 31.72 -17.81 0.83
CA VAL B 76 31.16 -17.54 -0.46
C VAL B 76 30.48 -18.82 -0.88
N ILE B 77 29.16 -18.79 -1.07
CA ILE B 77 28.42 -19.96 -1.49
C ILE B 77 27.67 -19.62 -2.77
N SER B 78 28.10 -20.19 -3.88
CA SER B 78 27.40 -20.09 -5.13
C SER B 78 26.21 -21.05 -5.09
N HIS B 79 25.08 -20.66 -5.65
CA HIS B 79 24.00 -21.62 -5.80
C HIS B 79 24.56 -22.88 -6.47
N PRO B 80 24.25 -24.09 -5.96
CA PRO B 80 24.71 -25.33 -6.59
C PRO B 80 24.31 -25.50 -8.05
N ASN B 81 23.19 -24.91 -8.49
CA ASN B 81 22.75 -25.09 -9.87
C ASN B 81 23.05 -23.89 -10.74
N TYR B 82 23.95 -23.02 -10.28
CA TYR B 82 24.37 -21.89 -11.08
C TYR B 82 25.01 -22.37 -12.37
N ASP B 83 24.60 -21.82 -13.51
CA ASP B 83 25.16 -22.14 -14.81
C ASP B 83 25.68 -20.84 -15.43
N SER B 84 27.00 -20.72 -15.57
CA SER B 84 27.59 -19.50 -16.08
C SER B 84 27.21 -19.25 -17.53
N LYS B 85 26.93 -20.30 -18.33
CA LYS B 85 26.64 -20.12 -19.74
C LYS B 85 25.29 -19.39 -19.89
N THR B 86 24.25 -19.88 -19.21
CA THR B 86 22.91 -19.35 -19.28
C THR B 86 22.63 -18.29 -18.21
N LYS B 87 23.51 -18.16 -17.20
CA LYS B 87 23.28 -17.34 -16.02
C LYS B 87 22.11 -17.81 -15.16
N ASN B 88 21.67 -19.07 -15.31
CA ASN B 88 20.56 -19.59 -14.54
C ASN B 88 21.01 -19.77 -13.10
N ASN B 89 20.15 -19.42 -12.13
CA ASN B 89 20.42 -19.59 -10.70
C ASN B 89 21.61 -18.73 -10.28
N ASP B 90 21.62 -17.49 -10.81
CA ASP B 90 22.67 -16.52 -10.59
C ASP B 90 22.45 -15.84 -9.24
N ILE B 91 22.81 -16.56 -8.18
CA ILE B 91 22.70 -16.07 -6.82
C ILE B 91 23.73 -16.77 -5.95
N ALA B 92 24.20 -16.01 -4.95
CA ALA B 92 25.24 -16.46 -4.07
C ALA B 92 25.05 -15.71 -2.75
N LEU B 93 25.60 -16.31 -1.70
CA LEU B 93 25.60 -15.74 -0.36
C LEU B 93 27.05 -15.50 0.02
N MET B 94 27.28 -14.37 0.68
CA MET B 94 28.52 -14.13 1.37
C MET B 94 28.24 -14.03 2.87
N LYS B 95 29.03 -14.77 3.68
CA LYS B 95 29.00 -14.62 5.13
C LYS B 95 30.17 -13.74 5.58
N LEU B 96 29.91 -12.71 6.39
CA LEU B 96 30.98 -11.92 6.96
C LEU B 96 31.59 -12.67 8.14
N GLN B 97 32.89 -12.42 8.39
CA GLN B 97 33.56 -12.96 9.56
C GLN B 97 33.13 -12.15 10.77
N LYS B 98 32.94 -10.83 10.66
CA LYS B 98 32.43 -9.99 11.74
C LYS B 98 31.02 -9.48 11.38
N PRO B 99 30.01 -9.70 12.26
CA PRO B 99 28.68 -9.09 12.09
C PRO B 99 28.65 -7.57 11.96
N LEU B 100 27.77 -7.10 11.08
CA LEU B 100 27.57 -5.65 10.91
C LEU B 100 26.78 -5.14 12.10
N THR B 101 26.96 -3.87 12.45
CA THR B 101 26.16 -3.27 13.53
C THR B 101 25.09 -2.44 12.83
N PHE B 102 23.83 -2.82 13.00
CA PHE B 102 22.75 -2.12 12.26
C PHE B 102 22.54 -0.75 12.89
N ASN B 103 22.21 0.22 12.05
CA ASN B 103 22.00 1.60 12.51
C ASN B 103 21.01 2.25 11.55
N ASP B 104 21.03 3.57 11.44
CA ASP B 104 20.10 4.31 10.56
C ASP B 104 20.54 4.19 9.09
N LEU B 105 21.78 3.75 8.85
CA LEU B 105 22.31 3.73 7.46
C LEU B 105 22.64 2.29 7.03
N VAL B 106 22.62 1.36 7.98
CA VAL B 106 22.93 -0.02 7.70
C VAL B 106 21.82 -0.86 8.30
N LYS B 107 21.00 -1.47 7.44
CA LYS B 107 19.99 -2.38 7.91
C LYS B 107 19.64 -3.41 6.83
N PRO B 108 18.97 -4.51 7.20
CA PRO B 108 18.64 -5.55 6.24
C PRO B 108 17.33 -5.31 5.48
N VAL B 109 17.26 -6.01 4.35
CA VAL B 109 16.07 -6.04 3.50
C VAL B 109 15.43 -7.38 3.82
N CYS B 110 14.11 -7.52 3.61
CA CYS B 110 13.44 -8.75 4.01
C CYS B 110 13.55 -9.75 2.87
N LEU B 111 13.80 -11.00 3.23
CA LEU B 111 13.69 -12.04 2.23
C LEU B 111 12.25 -12.09 1.75
N PRO B 112 12.05 -12.38 0.46
CA PRO B 112 10.71 -12.52 -0.10
C PRO B 112 10.11 -13.86 0.36
N ASN B 113 8.88 -13.76 0.86
CA ASN B 113 8.07 -14.90 1.22
C ASN B 113 7.38 -15.43 -0.03
N PRO B 114 6.91 -16.70 -0.07
CA PRO B 114 5.91 -17.09 -1.08
C PRO B 114 4.62 -16.30 -0.85
N GLY B 115 3.77 -16.14 -1.87
CA GLY B 115 2.48 -15.48 -1.75
C GLY B 115 2.59 -13.97 -1.56
N MET B 116 3.62 -13.35 -2.14
CA MET B 116 3.75 -11.90 -2.12
C MET B 116 2.62 -11.26 -2.95
N MET B 117 2.17 -11.98 -3.99
CA MET B 117 1.15 -11.51 -4.94
C MET B 117 1.45 -10.09 -5.44
N LEU B 118 2.61 -9.94 -6.05
CA LEU B 118 2.99 -8.68 -6.65
C LEU B 118 2.18 -8.47 -7.93
N GLN B 119 1.98 -7.22 -8.29
CA GLN B 119 1.36 -6.91 -9.57
C GLN B 119 2.30 -7.36 -10.68
N PRO B 120 1.77 -7.64 -11.89
CA PRO B 120 2.62 -8.11 -12.99
C PRO B 120 3.63 -7.06 -13.46
N GLU B 121 3.35 -5.78 -13.18
CA GLU B 121 4.24 -4.69 -13.49
C GLU B 121 4.53 -3.89 -12.23
N GLN B 122 4.80 -4.62 -11.15
CA GLN B 122 5.05 -4.05 -9.85
C GLN B 122 6.17 -3.00 -9.95
N LEU B 123 6.00 -1.91 -9.21
CA LEU B 123 6.99 -0.84 -9.10
C LEU B 123 8.08 -1.25 -8.13
N CYS B 124 9.31 -1.29 -8.67
CA CYS B 124 10.49 -1.67 -7.91
C CYS B 124 11.55 -0.60 -8.02
N TRP B 125 12.61 -0.78 -7.23
CA TRP B 125 13.79 0.05 -7.25
C TRP B 125 15.01 -0.83 -7.39
N ILE B 126 15.98 -0.35 -8.21
CA ILE B 126 17.33 -0.89 -8.31
C ILE B 126 18.33 0.14 -7.77
N SER B 127 19.40 -0.38 -7.17
CA SER B 127 20.44 0.49 -6.65
C SER B 127 21.80 -0.13 -6.92
N GLY B 128 22.80 0.74 -7.10
CA GLY B 128 24.18 0.28 -7.13
C GLY B 128 25.17 1.33 -7.61
N TRP B 129 26.44 0.90 -7.68
CA TRP B 129 27.52 1.75 -8.13
C TRP B 129 27.97 1.36 -9.54
N GLY B 130 27.11 0.70 -10.31
CA GLY B 130 27.51 0.27 -11.62
C GLY B 130 27.51 1.47 -12.57
N ALA B 131 28.01 1.21 -13.78
CA ALA B 131 28.09 2.20 -14.82
C ALA B 131 26.74 2.89 -14.98
N THR B 132 26.82 4.19 -15.30
CA THR B 132 25.66 5.01 -15.61
C THR B 132 25.45 5.13 -17.11
N GLU B 133 26.29 4.45 -17.89
CA GLU B 133 26.12 4.23 -19.31
C GLU B 133 26.81 2.92 -19.65
N GLU B 134 26.38 2.33 -20.78
CA GLU B 134 26.85 1.03 -21.19
C GLU B 134 28.37 1.07 -21.32
N LYS B 135 29.03 0.03 -20.82
CA LYS B 135 30.48 -0.11 -20.78
C LYS B 135 31.18 1.04 -20.02
N GLY B 136 30.44 1.82 -19.24
CA GLY B 136 31.05 2.90 -18.44
C GLY B 136 31.80 2.38 -17.23
N LYS B 137 32.38 3.29 -16.46
CA LYS B 137 33.14 2.89 -15.25
C LYS B 137 32.24 2.85 -14.03
N THR B 138 32.71 2.21 -12.96
CA THR B 138 31.99 2.20 -11.67
C THR B 138 31.64 3.64 -11.28
N SER B 139 30.43 3.85 -10.75
CA SER B 139 30.04 5.20 -10.27
C SER B 139 30.66 5.45 -8.90
N GLU B 140 31.10 6.68 -8.65
CA GLU B 140 31.65 7.04 -7.32
C GLU B 140 30.51 7.02 -6.31
N VAL B 141 29.36 7.51 -6.72
CA VAL B 141 28.23 7.54 -5.81
C VAL B 141 27.19 6.45 -6.15
N LEU B 142 26.51 5.99 -5.11
CA LEU B 142 25.39 5.08 -5.18
C LEU B 142 24.23 5.76 -5.88
N ASN B 143 23.74 5.05 -6.92
CA ASN B 143 22.57 5.49 -7.67
C ASN B 143 21.43 4.51 -7.43
N ALA B 144 20.23 4.96 -7.83
CA ALA B 144 19.00 4.22 -7.71
C ALA B 144 18.03 4.70 -8.78
N ALA B 145 17.10 3.81 -9.19
CA ALA B 145 16.10 4.13 -10.18
C ALA B 145 14.86 3.27 -9.94
N LYS B 146 13.68 3.83 -10.26
CA LYS B 146 12.45 3.06 -10.33
C LYS B 146 12.48 2.22 -11.60
N VAL B 147 12.07 0.96 -11.48
CA VAL B 147 11.87 0.08 -12.62
C VAL B 147 10.60 -0.69 -12.34
N LEU B 148 10.03 -1.31 -13.38
CA LEU B 148 8.81 -2.05 -13.24
C LEU B 148 9.16 -3.49 -13.59
N LEU B 149 8.55 -4.45 -12.90
CA LEU B 149 8.58 -5.83 -13.36
C LEU B 149 7.99 -5.87 -14.78
N ILE B 150 8.54 -6.80 -15.54
CA ILE B 150 8.06 -7.12 -16.88
C ILE B 150 7.77 -8.61 -16.86
N GLU B 151 6.51 -8.97 -17.13
CA GLU B 151 6.06 -10.35 -17.12
C GLU B 151 6.99 -11.18 -17.98
N THR B 152 7.35 -12.36 -17.46
CA THR B 152 8.33 -13.23 -18.07
C THR B 152 7.93 -13.70 -19.47
N GLN B 153 6.62 -13.87 -19.71
CA GLN B 153 6.16 -14.23 -21.03
C GLN B 153 6.51 -13.13 -22.03
N ARG B 154 6.26 -11.87 -21.64
CA ARG B 154 6.57 -10.68 -22.44
C ARG B 154 8.08 -10.62 -22.66
N CYS B 155 8.85 -10.91 -21.62
CA CYS B 155 10.34 -10.82 -21.67
C CYS B 155 10.95 -11.93 -22.53
N ASN B 156 10.24 -13.05 -22.68
CA ASN B 156 10.75 -14.20 -23.46
C ASN B 156 10.38 -14.01 -24.94
N SER B 157 9.68 -12.93 -25.26
CA SER B 157 9.36 -12.60 -26.68
C SER B 157 10.62 -12.70 -27.54
N ARG B 158 10.45 -13.04 -28.81
CA ARG B 158 11.59 -13.16 -29.74
C ARG B 158 12.09 -11.75 -30.07
N TYR B 159 11.33 -10.73 -29.67
CA TYR B 159 11.77 -9.33 -29.84
C TYR B 159 12.52 -8.89 -28.58
N VAL B 160 12.54 -9.74 -27.55
CA VAL B 160 13.26 -9.42 -26.28
C VAL B 160 14.33 -10.46 -25.98
N TYR B 161 14.06 -11.45 -25.13
CA TYR B 161 15.14 -12.38 -24.68
C TYR B 161 14.94 -13.81 -25.21
N ASP B 162 14.16 -14.00 -26.28
CA ASP B 162 14.05 -15.30 -27.01
C ASP B 162 14.08 -16.54 -26.12
N ASN B 163 13.13 -16.66 -25.19
CA ASN B 163 12.98 -17.85 -24.38
C ASN B 163 14.18 -18.09 -23.46
N LEU B 164 14.98 -17.06 -23.14
CA LEU B 164 16.17 -17.24 -22.30
C LEU B 164 15.83 -17.01 -20.83
N ILE B 165 14.62 -16.51 -20.55
CA ILE B 165 14.26 -16.16 -19.18
C ILE B 165 13.63 -17.37 -18.51
N THR B 166 14.34 -17.92 -17.51
CA THR B 166 13.93 -19.10 -16.78
C THR B 166 13.06 -18.73 -15.57
N PRO B 167 12.41 -19.73 -14.94
CA PRO B 167 11.68 -19.49 -13.69
C PRO B 167 12.51 -18.95 -12.54
N ALA B 168 13.85 -19.11 -12.64
CA ALA B 168 14.77 -18.60 -11.66
C ALA B 168 15.17 -17.15 -11.98
N MET B 169 14.51 -16.54 -12.99
CA MET B 169 14.81 -15.18 -13.42
C MET B 169 13.55 -14.32 -13.39
N ILE B 170 13.73 -13.03 -13.18
CA ILE B 170 12.68 -12.07 -13.45
C ILE B 170 13.26 -10.86 -14.16
N CYS B 171 12.40 -10.31 -15.02
CA CYS B 171 12.73 -9.13 -15.78
C CYS B 171 12.15 -7.89 -15.15
N ALA B 172 12.91 -6.82 -15.28
CA ALA B 172 12.48 -5.54 -14.79
C ALA B 172 13.19 -4.46 -15.58
N GLY B 173 12.55 -3.30 -15.61
CA GLY B 173 13.04 -2.22 -16.43
C GLY B 173 11.90 -1.67 -17.27
N PHE B 174 12.25 -1.30 -18.50
CA PHE B 174 11.37 -0.64 -19.46
C PHE B 174 11.76 -1.19 -20.82
N LEU B 175 10.80 -1.69 -21.59
CA LEU B 175 11.11 -2.19 -22.92
C LEU B 175 11.57 -1.08 -23.84
N GLN B 176 11.22 0.16 -23.50
CA GLN B 176 11.71 1.29 -24.27
C GLN B 176 13.13 1.63 -23.83
N GLY B 177 13.71 0.91 -22.84
CA GLY B 177 15.07 1.16 -22.36
C GLY B 177 15.20 2.42 -21.49
N ASN B 178 16.39 3.01 -21.47
CA ASN B 178 16.68 4.33 -20.87
C ASN B 178 16.95 4.29 -19.37
N VAL B 179 16.26 3.40 -18.63
CA VAL B 179 16.48 3.18 -17.20
C VAL B 179 16.76 1.70 -17.01
N ASP B 180 17.93 1.39 -16.42
CA ASP B 180 18.35 0.01 -16.29
C ASP B 180 19.49 -0.10 -15.29
N SER B 181 19.80 -1.35 -14.92
CA SER B 181 21.01 -1.62 -14.19
C SER B 181 22.09 -1.90 -15.23
N CYS B 182 23.35 -2.03 -14.79
CA CYS B 182 24.46 -2.12 -15.72
C CYS B 182 25.62 -2.85 -15.02
N GLN B 183 26.73 -3.06 -15.73
CA GLN B 183 27.89 -3.71 -15.12
C GLN B 183 28.26 -2.94 -13.85
N GLY B 184 28.59 -3.71 -12.79
CA GLY B 184 28.85 -3.19 -11.46
C GLY B 184 27.63 -3.21 -10.54
N ASP B 185 26.41 -3.23 -11.10
CA ASP B 185 25.19 -3.31 -10.30
C ASP B 185 24.93 -4.75 -9.86
N SER B 186 25.50 -5.70 -10.62
CA SER B 186 25.33 -7.14 -10.44
C SER B 186 25.39 -7.52 -8.98
N GLY B 187 24.49 -8.40 -8.56
CA GLY B 187 24.44 -8.89 -7.19
C GLY B 187 23.62 -7.99 -6.27
N GLY B 188 23.38 -6.77 -6.73
CA GLY B 188 22.71 -5.77 -5.94
C GLY B 188 21.20 -5.92 -6.01
N PRO B 189 20.50 -5.11 -5.22
CA PRO B 189 19.06 -5.26 -5.04
C PRO B 189 18.13 -4.74 -6.14
N LEU B 190 17.09 -5.54 -6.35
CA LEU B 190 15.80 -5.16 -6.88
C LEU B 190 14.80 -5.36 -5.76
N VAL B 191 14.25 -4.25 -5.26
CA VAL B 191 13.39 -4.26 -4.10
C VAL B 191 12.03 -3.69 -4.51
N THR B 192 11.02 -3.99 -3.69
CA THR B 192 9.69 -3.45 -3.85
C THR B 192 9.13 -3.25 -2.44
N SER B 193 8.26 -2.25 -2.32
CA SER B 193 7.63 -1.98 -1.05
C SER B 193 6.23 -2.56 -1.11
N LYS B 194 5.83 -3.31 -0.09
CA LYS B 194 4.50 -3.87 -0.04
C LYS B 194 4.22 -4.18 1.42
N ASN B 195 3.02 -3.82 1.87
CA ASN B 195 2.66 -3.95 3.28
C ASN B 195 3.62 -3.14 4.14
N ASN B 196 4.13 -2.04 3.57
CA ASN B 196 4.98 -1.13 4.29
C ASN B 196 6.34 -1.74 4.61
N ILE B 197 6.74 -2.78 3.86
CA ILE B 197 8.01 -3.44 4.04
C ILE B 197 8.71 -3.44 2.69
N TRP B 198 10.02 -3.28 2.73
CA TRP B 198 10.89 -3.39 1.57
C TRP B 198 11.35 -4.83 1.44
N TRP B 199 11.04 -5.41 0.28
CA TRP B 199 11.35 -6.80 -0.01
C TRP B 199 12.41 -6.95 -1.09
N LEU B 200 13.29 -7.94 -0.91
CA LEU B 200 14.28 -8.30 -1.92
C LEU B 200 13.66 -9.26 -2.93
N ILE B 201 13.29 -8.71 -4.07
CA ILE B 201 12.64 -9.44 -5.14
C ILE B 201 13.70 -10.05 -6.06
N GLY B 202 14.78 -9.29 -6.28
CA GLY B 202 15.78 -9.76 -7.24
C GLY B 202 17.19 -9.33 -6.91
N ASP B 203 18.15 -10.07 -7.49
CA ASP B 203 19.55 -9.69 -7.48
C ASP B 203 19.98 -9.46 -8.91
N THR B 204 20.66 -8.35 -9.17
CA THR B 204 21.01 -7.97 -10.54
C THR B 204 21.89 -9.03 -11.20
N SER B 205 21.48 -9.54 -12.37
CA SER B 205 22.11 -10.74 -12.91
C SER B 205 22.72 -10.45 -14.28
N TRP B 206 21.89 -10.01 -15.24
CA TRP B 206 22.40 -9.84 -16.60
C TRP B 206 21.45 -9.05 -17.47
N GLY B 207 21.99 -8.70 -18.61
CA GLY B 207 21.22 -8.03 -19.62
C GLY B 207 22.08 -7.84 -20.86
N SER B 208 21.47 -7.36 -21.93
CA SER B 208 22.15 -7.21 -23.19
C SER B 208 22.39 -5.72 -23.43
N GLY B 209 23.66 -5.31 -23.31
CA GLY B 209 23.97 -3.90 -23.07
C GLY B 209 23.26 -3.40 -21.80
N CYS B 210 23.01 -2.09 -21.75
CA CYS B 210 22.41 -1.41 -20.61
C CYS B 210 21.48 -0.33 -21.14
N ALA B 211 20.23 -0.34 -20.68
CA ALA B 211 19.21 0.65 -21.01
C ALA B 211 18.85 0.67 -22.49
N LYS B 212 19.14 -0.42 -23.22
CA LYS B 212 18.72 -0.50 -24.61
C LYS B 212 17.24 -0.91 -24.65
N ALA B 213 16.59 -0.58 -25.77
CA ALA B 213 15.19 -0.90 -25.95
C ALA B 213 15.08 -2.39 -26.23
N TYR B 214 14.04 -2.99 -25.67
CA TYR B 214 13.75 -4.40 -25.84
C TYR B 214 14.80 -5.27 -25.16
N ARG B 215 15.59 -4.69 -24.24
CA ARG B 215 16.70 -5.39 -23.60
C ARG B 215 16.73 -4.98 -22.13
N PRO B 216 15.68 -5.32 -21.36
CA PRO B 216 15.58 -4.89 -19.98
C PRO B 216 16.52 -5.73 -19.10
N GLY B 217 16.49 -5.44 -17.81
CA GLY B 217 17.31 -6.12 -16.82
C GLY B 217 16.77 -7.49 -16.44
N VAL B 218 17.68 -8.43 -16.29
CA VAL B 218 17.31 -9.71 -15.76
C VAL B 218 17.96 -9.84 -14.39
N TYR B 219 17.13 -10.29 -13.44
CA TYR B 219 17.46 -10.42 -12.03
C TYR B 219 17.20 -11.84 -11.60
N GLY B 220 18.07 -12.33 -10.70
CA GLY B 220 17.80 -13.52 -9.93
C GLY B 220 16.45 -13.39 -9.25
N ASN B 221 15.59 -14.40 -9.48
CA ASN B 221 14.29 -14.45 -8.81
C ASN B 221 14.46 -14.97 -7.36
N VAL B 222 14.68 -14.03 -6.42
CA VAL B 222 15.12 -14.36 -5.09
C VAL B 222 14.10 -15.25 -4.36
N MET B 223 12.82 -14.99 -4.57
CA MET B 223 11.78 -15.78 -3.90
C MET B 223 11.95 -17.29 -4.18
N VAL B 224 12.49 -17.65 -5.36
CA VAL B 224 12.76 -19.03 -5.73
C VAL B 224 13.86 -19.58 -4.82
N PHE B 225 14.67 -18.73 -4.18
CA PHE B 225 15.87 -19.17 -3.49
C PHE B 225 15.80 -18.93 -2.00
N THR B 226 14.64 -18.48 -1.48
CA THR B 226 14.55 -18.11 -0.07
C THR B 226 14.84 -19.35 0.79
N ASP B 227 14.22 -20.49 0.46
CA ASP B 227 14.40 -21.71 1.24
C ASP B 227 15.86 -22.17 1.18
N TRP B 228 16.48 -22.07 0.00
CA TRP B 228 17.89 -22.41 -0.11
C TRP B 228 18.71 -21.49 0.82
N ILE B 229 18.36 -20.21 0.86
CA ILE B 229 19.04 -19.27 1.73
C ILE B 229 18.86 -19.67 3.19
N TYR B 230 17.63 -20.05 3.58
CA TYR B 230 17.36 -20.51 4.93
C TYR B 230 18.31 -21.66 5.25
N ARG B 231 18.33 -22.71 4.41
CA ARG B 231 19.12 -23.90 4.64
C ARG B 231 20.61 -23.57 4.80
N GLN B 232 21.13 -22.65 3.97
CA GLN B 232 22.53 -22.27 4.04
C GLN B 232 22.85 -21.55 5.33
N MET B 233 21.88 -20.78 5.79
CA MET B 233 22.10 -19.99 6.99
C MET B 233 22.08 -20.93 8.19
N ARG B 234 21.23 -21.95 8.13
CA ARG B 234 21.08 -22.96 9.16
C ARG B 234 22.26 -23.95 9.11
N ALA B 235 22.59 -24.50 7.92
CA ALA B 235 23.73 -25.39 7.76
C ALA B 235 24.99 -24.76 8.34
N ASP B 236 25.18 -23.46 8.18
CA ASP B 236 26.29 -22.75 8.80
C ASP B 236 26.27 -22.97 10.30
N GLY B 237 27.32 -23.66 10.78
CA GLY B 237 27.61 -23.84 12.21
C GLY B 237 26.84 -25.02 12.80
N GLU B 238 26.42 -25.95 11.93
CA GLU B 238 25.54 -27.04 12.29
C GLU B 238 26.32 -28.34 12.10
N PHE B 239 26.15 -29.27 13.06
CA PHE B 239 26.85 -30.53 13.05
C PHE B 239 26.02 -31.58 12.31
N VAL B 240 24.73 -31.71 12.66
CA VAL B 240 23.86 -32.65 11.95
C VAL B 240 22.56 -31.93 11.60
N GLU B 241 21.93 -32.38 10.49
CA GLU B 241 20.65 -31.85 10.01
C GLU B 241 19.54 -32.89 10.25
N ALA C 2 -16.10 11.12 -23.20
CA ALA C 2 -16.29 10.03 -22.22
C ALA C 2 -16.34 10.67 -20.83
N CYS C 3 -15.44 10.25 -19.92
CA CYS C 3 -15.53 10.59 -18.51
C CYS C 3 -14.25 11.33 -18.07
N VAL C 4 -14.30 11.88 -16.83
CA VAL C 4 -13.27 12.73 -16.23
C VAL C 4 -13.20 12.55 -14.71
N ARG C 5 -11.96 12.48 -14.18
CA ARG C 5 -11.75 12.26 -12.75
C ARG C 5 -10.40 12.80 -12.31
N LEU C 6 -10.21 12.82 -11.00
CA LEU C 6 -8.95 13.24 -10.42
C LEU C 6 -8.33 12.00 -9.79
N TYR C 7 -7.01 11.83 -9.95
CA TYR C 7 -6.40 10.57 -9.62
C TYR C 7 -5.31 10.79 -8.59
N GLY C 8 -5.36 9.93 -7.56
CA GLY C 8 -4.28 9.82 -6.59
C GLY C 8 -4.21 11.04 -5.68
N PRO C 9 -3.29 11.04 -4.71
CA PRO C 9 -3.23 12.10 -3.71
C PRO C 9 -2.75 13.44 -4.27
N ASN C 10 -2.32 13.45 -5.55
CA ASN C 10 -1.89 14.69 -6.19
C ASN C 10 -2.89 15.17 -7.25
N PHE C 11 -4.09 14.57 -7.27
CA PHE C 11 -5.23 15.10 -8.03
C PHE C 11 -4.87 15.28 -9.52
N ILE C 12 -4.34 14.23 -10.12
CA ILE C 12 -3.95 14.28 -11.51
C ILE C 12 -5.21 14.14 -12.38
N LEU C 13 -5.45 15.14 -13.26
CA LEU C 13 -6.58 15.11 -14.16
C LEU C 13 -6.39 14.00 -15.19
N GLN C 14 -7.40 13.16 -15.32
CA GLN C 14 -7.41 12.05 -16.25
C GLN C 14 -8.73 11.99 -17.02
N VAL C 15 -8.67 11.49 -18.26
CA VAL C 15 -9.84 11.38 -19.11
C VAL C 15 -9.93 9.93 -19.60
N TYR C 16 -11.16 9.44 -19.78
CA TYR C 16 -11.40 8.08 -20.20
C TYR C 16 -11.30 8.02 -21.72
N SER C 17 -10.46 7.11 -22.24
CA SER C 17 -10.55 6.68 -23.62
C SER C 17 -11.52 5.51 -23.74
N SER C 18 -12.72 5.76 -24.27
CA SER C 18 -13.67 4.70 -24.54
C SER C 18 -13.08 3.73 -25.56
N GLN C 19 -12.08 4.18 -26.35
CA GLN C 19 -11.28 3.32 -27.23
C GLN C 19 -10.47 2.33 -26.39
N ARG C 20 -9.32 2.77 -25.86
CA ARG C 20 -8.41 1.87 -25.14
C ARG C 20 -9.04 1.25 -23.88
N LYS C 21 -10.22 1.74 -23.45
CA LYS C 21 -10.89 1.34 -22.24
C LYS C 21 -10.01 1.67 -21.01
N SER C 22 -9.10 2.65 -21.16
CA SER C 22 -8.24 3.12 -20.06
C SER C 22 -8.42 4.61 -19.73
N TRP C 23 -7.78 5.06 -18.64
CA TRP C 23 -7.71 6.46 -18.23
C TRP C 23 -6.29 6.98 -18.44
N HIS C 24 -6.16 8.23 -18.88
CA HIS C 24 -4.88 8.81 -19.25
C HIS C 24 -4.82 10.23 -18.71
N PRO C 25 -3.73 10.65 -18.06
CA PRO C 25 -3.61 12.04 -17.61
C PRO C 25 -3.51 12.99 -18.78
N VAL C 26 -3.66 14.28 -18.49
CA VAL C 26 -3.69 15.23 -19.58
C VAL C 26 -2.45 16.10 -19.42
N CYS C 27 -1.84 16.47 -20.54
CA CYS C 27 -0.63 17.23 -20.50
C CYS C 27 -0.95 18.63 -20.00
N GLN C 28 0.04 19.22 -19.34
CA GLN C 28 0.00 20.61 -18.92
C GLN C 28 0.13 21.50 -20.14
N ASP C 29 0.50 20.94 -21.30
CA ASP C 29 0.72 21.71 -22.53
C ASP C 29 -0.50 22.56 -22.89
N ASP C 30 -0.33 23.89 -22.87
CA ASP C 30 -1.34 24.81 -23.39
C ASP C 30 -2.59 24.78 -22.53
N TRP C 31 -2.53 24.08 -21.38
CA TRP C 31 -3.65 24.03 -20.45
C TRP C 31 -3.83 25.41 -19.86
N ASN C 32 -5.01 25.71 -19.31
CA ASN C 32 -5.21 26.92 -18.55
C ASN C 32 -6.39 26.74 -17.58
N GLU C 33 -6.61 27.76 -16.76
CA GLU C 33 -7.55 27.72 -15.67
C GLU C 33 -8.95 27.38 -16.17
N ASN C 34 -9.40 28.04 -17.24
CA ASN C 34 -10.73 27.87 -17.79
C ASN C 34 -11.03 26.43 -18.15
N TYR C 35 -10.01 25.70 -18.58
CA TYR C 35 -10.17 24.31 -18.93
C TYR C 35 -10.37 23.50 -17.66
N GLY C 36 -9.69 23.93 -16.58
CA GLY C 36 -9.80 23.28 -15.29
C GLY C 36 -11.19 23.49 -14.71
N ARG C 37 -11.70 24.73 -14.86
CA ARG C 37 -13.03 25.08 -14.43
C ARG C 37 -14.07 24.26 -15.20
N ALA C 38 -13.85 24.03 -16.49
CA ALA C 38 -14.81 23.24 -17.22
C ALA C 38 -14.79 21.82 -16.66
N ALA C 39 -13.60 21.30 -16.29
CA ALA C 39 -13.47 19.94 -15.80
C ALA C 39 -14.18 19.77 -14.45
N CYS C 40 -13.96 20.79 -13.60
CA CYS C 40 -14.56 20.88 -12.32
C CYS C 40 -16.07 20.86 -12.41
N ARG C 41 -16.62 21.65 -13.36
CA ARG C 41 -18.07 21.72 -13.59
C ARG C 41 -18.58 20.36 -14.05
N ASP C 42 -17.77 19.68 -14.85
CA ASP C 42 -18.14 18.35 -15.30
C ASP C 42 -18.15 17.33 -14.16
N MET C 43 -17.47 17.65 -13.06
CA MET C 43 -17.45 16.73 -11.88
C MET C 43 -18.46 17.20 -10.83
N GLY C 44 -19.37 18.10 -11.20
CA GLY C 44 -20.45 18.52 -10.28
C GLY C 44 -20.11 19.66 -9.36
N TYR C 45 -18.93 20.26 -9.49
CA TYR C 45 -18.49 21.33 -8.56
C TYR C 45 -19.04 22.67 -9.04
N LYS C 46 -19.61 22.71 -10.24
CA LYS C 46 -20.24 23.95 -10.78
C LYS C 46 -19.19 25.06 -10.93
N ASN C 47 -19.35 26.16 -10.20
CA ASN C 47 -18.44 27.32 -10.34
C ASN C 47 -17.25 27.21 -9.38
N ASN C 48 -17.06 26.06 -8.77
CA ASN C 48 -15.98 25.90 -7.76
C ASN C 48 -14.63 25.63 -8.46
N PHE C 49 -13.58 26.32 -8.04
CA PHE C 49 -12.22 26.06 -8.55
C PHE C 49 -11.27 26.44 -7.42
N TYR C 50 -10.27 25.60 -7.19
CA TYR C 50 -9.27 25.91 -6.12
C TYR C 50 -7.93 26.22 -6.76
N SER C 51 -7.38 25.28 -7.54
CA SER C 51 -6.04 25.49 -8.05
C SER C 51 -5.72 24.39 -9.04
N SER C 52 -4.84 24.74 -9.97
CA SER C 52 -4.45 23.89 -11.08
C SER C 52 -2.98 24.17 -11.32
N GLN C 53 -2.16 23.13 -11.52
CA GLN C 53 -0.80 23.38 -11.96
C GLN C 53 -0.26 22.13 -12.59
N GLY C 54 0.80 22.32 -13.38
CA GLY C 54 1.59 21.23 -13.92
C GLY C 54 2.40 20.58 -12.80
N ILE C 55 2.51 19.24 -12.85
CA ILE C 55 3.35 18.50 -11.92
C ILE C 55 3.93 17.31 -12.66
N VAL C 56 4.97 16.70 -12.05
CA VAL C 56 5.43 15.43 -12.56
C VAL C 56 4.35 14.38 -12.29
N ASP C 57 4.07 13.55 -13.30
CA ASP C 57 3.15 12.44 -13.19
C ASP C 57 3.71 11.39 -12.25
N ASP C 58 2.88 10.99 -11.26
CA ASP C 58 3.18 9.90 -10.34
C ASP C 58 2.27 8.70 -10.62
N SER C 59 1.27 8.84 -11.51
CA SER C 59 0.32 7.76 -11.77
C SER C 59 0.98 6.59 -12.51
N GLY C 60 2.25 6.74 -12.94
CA GLY C 60 2.95 5.73 -13.72
C GLY C 60 2.30 5.44 -15.08
N SER C 61 1.51 6.41 -15.60
CA SER C 61 0.86 6.26 -16.91
C SER C 61 1.93 6.36 -17.99
N THR C 62 1.70 5.58 -19.08
CA THR C 62 2.64 5.46 -20.19
C THR C 62 2.23 6.36 -21.38
N SER C 63 0.91 6.50 -21.64
CA SER C 63 0.40 7.44 -22.65
C SER C 63 -0.41 8.57 -21.99
N PHE C 64 -0.51 9.70 -22.70
CA PHE C 64 -1.12 10.92 -22.19
C PHE C 64 -2.18 11.44 -23.16
N MET C 65 -2.86 12.52 -22.77
CA MET C 65 -3.83 13.19 -23.63
C MET C 65 -3.39 14.65 -23.73
N LYS C 66 -3.12 15.10 -24.97
CA LYS C 66 -2.53 16.40 -25.23
C LYS C 66 -3.56 17.28 -25.94
N LEU C 67 -3.50 18.58 -25.63
CA LEU C 67 -4.35 19.57 -26.30
C LEU C 67 -3.92 19.81 -27.74
N ASN C 68 -4.85 19.56 -28.68
CA ASN C 68 -4.71 19.99 -30.06
C ASN C 68 -5.05 21.47 -30.14
N THR C 69 -3.98 22.27 -30.20
CA THR C 69 -4.01 23.72 -30.26
C THR C 69 -4.71 24.18 -31.55
N SER C 70 -4.80 23.30 -32.54
CA SER C 70 -5.39 23.66 -33.82
C SER C 70 -6.79 23.07 -33.98
N ALA C 71 -7.37 22.60 -32.86
CA ALA C 71 -8.69 21.97 -32.91
C ALA C 71 -9.74 22.98 -33.38
N GLY C 72 -10.75 22.48 -34.09
CA GLY C 72 -11.96 23.22 -34.34
C GLY C 72 -12.72 23.47 -33.04
N ASN C 73 -13.96 23.96 -33.16
CA ASN C 73 -14.73 24.34 -31.99
C ASN C 73 -15.43 23.09 -31.49
N VAL C 74 -14.67 22.27 -30.78
CA VAL C 74 -15.25 21.12 -30.12
C VAL C 74 -15.05 21.33 -28.62
N ASP C 75 -15.72 20.47 -27.84
CA ASP C 75 -15.58 20.49 -26.40
C ASP C 75 -14.15 20.08 -26.08
N ILE C 76 -13.74 20.32 -24.84
CA ILE C 76 -12.36 20.14 -24.45
C ILE C 76 -11.93 18.69 -24.68
N TYR C 77 -12.79 17.73 -24.38
CA TYR C 77 -12.44 16.32 -24.47
C TYR C 77 -12.00 16.01 -25.90
N LYS C 78 -12.76 16.47 -26.90
CA LYS C 78 -12.43 16.21 -28.30
C LYS C 78 -11.25 17.06 -28.80
N LYS C 79 -10.83 18.10 -28.08
CA LYS C 79 -9.57 18.78 -28.37
C LYS C 79 -8.35 17.91 -27.99
N LEU C 80 -8.55 16.84 -27.21
CA LEU C 80 -7.45 16.06 -26.64
C LEU C 80 -7.15 14.88 -27.55
N TYR C 81 -5.86 14.57 -27.74
CA TYR C 81 -5.45 13.39 -28.50
C TYR C 81 -4.37 12.61 -27.74
N HIS C 82 -4.32 11.30 -27.99
CA HIS C 82 -3.38 10.35 -27.41
C HIS C 82 -1.96 10.71 -27.83
N SER C 83 -1.03 10.65 -26.89
CA SER C 83 0.30 11.20 -27.07
C SER C 83 1.26 10.53 -26.09
N ASP C 84 2.47 10.22 -26.58
CA ASP C 84 3.45 9.44 -25.83
C ASP C 84 4.22 10.35 -24.86
N ALA C 85 4.14 11.67 -25.02
CA ALA C 85 4.78 12.58 -24.09
C ALA C 85 4.13 13.96 -24.11
N CYS C 86 4.61 14.81 -23.22
CA CYS C 86 4.07 16.15 -23.03
C CYS C 86 5.25 17.13 -23.09
N SER C 87 5.11 18.14 -23.97
CA SER C 87 6.14 19.13 -24.20
C SER C 87 6.58 19.78 -22.90
N SER C 88 5.66 20.00 -21.97
CA SER C 88 5.97 20.67 -20.70
C SER C 88 6.63 19.69 -19.73
N LYS C 89 6.67 18.40 -20.11
CA LYS C 89 7.06 17.29 -19.26
C LYS C 89 6.34 17.37 -17.90
N ALA C 90 5.03 17.75 -17.93
CA ALA C 90 4.18 17.88 -16.76
C ALA C 90 2.74 17.55 -17.15
N VAL C 91 1.97 17.02 -16.18
CA VAL C 91 0.54 16.77 -16.32
C VAL C 91 -0.22 17.73 -15.39
N VAL C 92 -1.55 17.78 -15.64
CA VAL C 92 -2.43 18.69 -14.94
C VAL C 92 -2.79 18.09 -13.59
N SER C 93 -2.52 18.90 -12.56
CA SER C 93 -3.04 18.68 -11.22
C SER C 93 -4.13 19.71 -11.01
N LEU C 94 -5.32 19.23 -10.61
CA LEU C 94 -6.48 20.09 -10.51
C LEU C 94 -7.25 19.76 -9.25
N ARG C 95 -7.48 20.82 -8.45
CA ARG C 95 -8.36 20.81 -7.31
C ARG C 95 -9.55 21.76 -7.53
N CYS C 96 -10.77 21.19 -7.44
CA CYS C 96 -11.96 21.98 -7.67
C CYS C 96 -12.40 22.73 -6.42
N ILE C 97 -11.94 22.30 -5.26
CA ILE C 97 -12.42 22.91 -4.03
C ILE C 97 -11.35 22.73 -2.97
N ALA C 98 -11.30 23.75 -2.12
CA ALA C 98 -10.43 23.76 -0.97
C ALA C 98 -11.04 22.79 0.05
N CYS C 99 -10.30 21.73 0.37
CA CYS C 99 -10.83 20.70 1.24
C CYS C 99 -9.66 19.97 1.91
N GLY C 100 -9.97 19.29 3.03
CA GLY C 100 -9.04 18.33 3.61
C GLY C 100 -8.08 18.94 4.63
N VAL C 101 -8.42 20.12 5.16
CA VAL C 101 -7.59 20.75 6.20
C VAL C 101 -8.44 20.92 7.46
N ASN C 102 -7.82 20.67 8.62
CA ASN C 102 -8.41 20.93 9.92
C ASN C 102 -7.63 22.09 10.52
N LEU C 103 -7.81 22.37 11.81
CA LEU C 103 -7.22 23.54 12.44
C LEU C 103 -5.71 23.38 12.64
N ASN C 104 -5.32 22.30 13.32
CA ASN C 104 -3.91 22.05 13.59
C ASN C 104 -3.31 21.44 12.32
N SER C 105 -3.06 22.32 11.35
CA SER C 105 -2.65 21.93 10.01
C SER C 105 -1.24 22.45 9.73
N ILE D 1 -19.10 6.98 19.30
CA ILE D 1 -17.68 6.53 19.31
C ILE D 1 -17.39 5.90 20.67
N VAL D 2 -16.91 4.67 20.65
CA VAL D 2 -16.46 3.97 21.83
C VAL D 2 -14.94 4.05 21.90
N GLY D 3 -14.42 4.34 23.12
CA GLY D 3 -12.98 4.32 23.37
C GLY D 3 -12.26 5.50 22.69
N GLY D 4 -13.00 6.57 22.38
CA GLY D 4 -12.37 7.76 21.82
C GLY D 4 -12.25 8.87 22.87
N GLU D 5 -11.98 10.11 22.45
CA GLU D 5 -11.96 11.25 23.36
C GLU D 5 -12.70 12.39 22.67
N SER D 6 -13.23 13.29 23.47
CA SER D 6 -13.97 14.42 22.95
C SER D 6 -13.04 15.22 22.03
N ALA D 7 -13.60 15.71 20.89
CA ALA D 7 -12.87 16.44 19.88
C ALA D 7 -12.84 17.93 20.24
N LEU D 8 -11.76 18.61 19.84
CA LEU D 8 -11.63 20.06 19.95
C LEU D 8 -12.29 20.73 18.74
N PRO D 9 -12.70 22.03 18.84
CA PRO D 9 -13.25 22.76 17.70
C PRO D 9 -12.27 22.80 16.54
N GLY D 10 -12.80 22.63 15.32
CA GLY D 10 -11.97 22.73 14.14
C GLY D 10 -11.18 21.47 13.83
N ALA D 11 -11.22 20.46 14.68
CA ALA D 11 -10.48 19.23 14.45
C ALA D 11 -11.08 18.46 13.28
N TRP D 12 -12.42 18.34 13.29
CA TRP D 12 -13.16 17.62 12.26
C TRP D 12 -14.22 18.56 11.71
N PRO D 13 -13.79 19.59 10.94
CA PRO D 13 -14.69 20.69 10.55
C PRO D 13 -15.73 20.33 9.49
N TRP D 14 -15.58 19.15 8.85
CA TRP D 14 -16.57 18.56 7.94
C TRP D 14 -17.67 17.80 8.66
N GLN D 15 -17.50 17.52 9.94
CA GLN D 15 -18.47 16.69 10.64
C GLN D 15 -19.75 17.51 10.80
N VAL D 16 -20.89 16.89 10.45
CA VAL D 16 -22.19 17.44 10.82
C VAL D 16 -23.02 16.45 11.66
N SER D 17 -23.93 17.01 12.48
CA SER D 17 -24.99 16.33 13.21
C SER D 17 -26.28 16.57 12.42
N LEU D 18 -26.93 15.47 12.04
CA LEU D 18 -28.14 15.51 11.25
C LEU D 18 -29.31 15.18 12.16
N HIS D 19 -30.28 16.09 12.17
CA HIS D 19 -31.30 16.16 13.19
C HIS D 19 -32.64 15.93 12.51
N VAL D 20 -33.52 15.26 13.26
CA VAL D 20 -34.94 15.27 13.01
C VAL D 20 -35.59 15.79 14.28
N GLN D 21 -36.43 16.79 14.11
CA GLN D 21 -36.99 17.58 15.19
C GLN D 21 -35.82 18.03 16.06
N ASN D 22 -35.83 17.59 17.31
CA ASN D 22 -34.94 18.10 18.33
C ASN D 22 -33.75 17.16 18.46
N VAL D 23 -33.71 16.12 17.61
CA VAL D 23 -32.99 14.90 17.92
C VAL D 23 -31.94 14.61 16.84
N HIS D 24 -30.71 14.31 17.31
CA HIS D 24 -29.62 13.85 16.48
C HIS D 24 -29.96 12.44 16.04
N VAL D 25 -29.94 12.19 14.72
CA VAL D 25 -30.15 10.86 14.21
C VAL D 25 -28.85 10.23 13.72
N CYS D 26 -28.12 10.98 12.88
CA CYS D 26 -26.92 10.50 12.22
CA CYS D 26 -26.88 10.49 12.31
C CYS D 26 -25.91 11.63 12.03
N GLY D 27 -24.71 11.20 11.69
CA GLY D 27 -23.68 12.10 11.25
C GLY D 27 -23.66 12.22 9.74
N GLY D 28 -22.86 13.19 9.30
CA GLY D 28 -22.54 13.40 7.90
C GLY D 28 -21.22 14.14 7.75
N SER D 29 -20.76 14.24 6.50
CA SER D 29 -19.50 14.86 6.16
C SER D 29 -19.75 15.88 5.05
N ILE D 30 -19.31 17.12 5.29
CA ILE D 30 -19.40 18.17 4.32
C ILE D 30 -18.38 17.92 3.23
N ILE D 31 -18.81 18.04 1.96
CA ILE D 31 -17.89 17.98 0.83
C ILE D 31 -17.93 19.27 0.00
N THR D 32 -19.03 20.02 0.10
CA THR D 32 -19.14 21.33 -0.53
C THR D 32 -20.08 22.18 0.33
N PRO D 33 -20.23 23.49 0.08
CA PRO D 33 -21.06 24.32 0.97
C PRO D 33 -22.52 23.89 1.01
N GLU D 34 -22.94 23.05 0.08
CA GLU D 34 -24.32 22.63 0.08
C GLU D 34 -24.45 21.12 0.00
N TRP D 35 -23.36 20.36 -0.04
CA TRP D 35 -23.50 18.92 -0.07
C TRP D 35 -22.87 18.21 1.13
N ILE D 36 -23.62 17.21 1.60
CA ILE D 36 -23.22 16.35 2.71
C ILE D 36 -23.34 14.87 2.34
N VAL D 37 -22.29 14.09 2.66
CA VAL D 37 -22.34 12.65 2.53
C VAL D 37 -22.78 12.03 3.85
N THR D 38 -23.69 11.07 3.80
CA THR D 38 -24.18 10.36 4.99
C THR D 38 -24.51 8.94 4.53
N ALA D 39 -25.20 8.18 5.38
CA ALA D 39 -25.61 6.81 5.09
C ALA D 39 -27.07 6.73 4.64
N ALA D 40 -27.32 5.82 3.68
CA ALA D 40 -28.64 5.53 3.16
C ALA D 40 -29.59 5.02 4.24
N HIS D 41 -29.07 4.27 5.21
CA HIS D 41 -29.90 3.63 6.22
C HIS D 41 -30.55 4.71 7.09
N CYS D 42 -29.89 5.86 7.21
CA CYS D 42 -30.38 6.95 8.03
C CYS D 42 -31.63 7.58 7.41
N VAL D 43 -31.76 7.49 6.09
CA VAL D 43 -32.82 8.16 5.36
C VAL D 43 -33.84 7.15 4.84
N GLU D 44 -33.92 5.99 5.51
CA GLU D 44 -35.00 5.06 5.23
C GLU D 44 -36.31 5.72 5.65
N LYS D 45 -37.37 5.41 4.92
CA LYS D 45 -38.73 5.79 5.26
C LYS D 45 -38.92 5.64 6.77
N PRO D 46 -39.51 6.59 7.52
CA PRO D 46 -40.11 7.80 6.98
C PRO D 46 -39.18 9.01 6.91
N LEU D 47 -37.85 8.78 6.98
CA LEU D 47 -36.89 9.87 6.97
C LEU D 47 -36.32 10.08 5.57
N ASN D 48 -37.09 9.66 4.57
CA ASN D 48 -36.66 9.71 3.18
C ASN D 48 -36.92 11.10 2.59
N ASN D 49 -37.84 11.89 3.16
CA ASN D 49 -38.12 13.24 2.66
C ASN D 49 -37.22 14.28 3.32
N PRO D 50 -36.72 15.28 2.57
CA PRO D 50 -35.79 16.25 3.14
C PRO D 50 -36.35 17.21 4.18
N TRP D 51 -37.66 17.48 4.14
CA TRP D 51 -38.18 18.55 4.98
C TRP D 51 -38.10 18.17 6.46
N HIS D 52 -37.80 16.90 6.78
CA HIS D 52 -37.60 16.47 8.15
C HIS D 52 -36.24 16.81 8.75
N TRP D 53 -35.26 17.12 7.88
CA TRP D 53 -33.86 17.10 8.29
C TRP D 53 -33.25 18.47 8.40
N THR D 54 -32.42 18.62 9.42
CA THR D 54 -31.55 19.78 9.55
C THR D 54 -30.14 19.31 9.90
N ALA D 55 -29.16 20.09 9.45
CA ALA D 55 -27.76 19.81 9.68
C ALA D 55 -27.19 20.92 10.57
N PHE D 56 -26.44 20.51 11.59
CA PHE D 56 -25.67 21.41 12.43
C PHE D 56 -24.18 21.21 12.19
N ALA D 57 -23.52 22.29 11.73
CA ALA D 57 -22.09 22.31 11.44
C ALA D 57 -21.40 23.25 12.43
N GLY D 58 -20.13 22.97 12.70
CA GLY D 58 -19.26 23.84 13.46
C GLY D 58 -19.60 23.86 14.95
N ILE D 59 -20.39 22.89 15.44
CA ILE D 59 -20.91 22.86 16.81
C ILE D 59 -20.64 21.48 17.44
N LEU D 60 -19.92 21.45 18.57
CA LEU D 60 -19.54 20.21 19.24
C LEU D 60 -20.61 19.64 20.17
N ARG D 61 -21.48 20.50 20.71
CA ARG D 61 -22.40 20.10 21.76
C ARG D 61 -23.82 20.05 21.23
N GLN D 62 -24.46 18.91 21.44
CA GLN D 62 -25.83 18.73 21.03
C GLN D 62 -26.70 19.80 21.70
N SER D 63 -26.37 20.18 22.93
CA SER D 63 -27.26 21.11 23.62
C SER D 63 -27.17 22.52 23.05
N PHE D 64 -26.24 22.73 22.12
CA PHE D 64 -26.07 24.05 21.45
C PHE D 64 -26.69 24.01 20.06
N MET D 65 -27.17 22.85 19.66
CA MET D 65 -27.84 22.71 18.34
C MET D 65 -29.32 22.98 18.60
N PHE D 66 -29.74 24.22 18.41
CA PHE D 66 -31.12 24.60 18.84
C PHE D 66 -32.19 24.23 17.81
N TYR D 67 -33.18 23.44 18.25
CA TYR D 67 -34.36 23.14 17.41
C TYR D 67 -34.91 24.50 16.97
N GLY D 68 -34.69 24.86 15.70
CA GLY D 68 -35.08 26.19 15.22
C GLY D 68 -33.96 26.75 14.37
N ALA D 69 -32.72 26.37 14.70
CA ALA D 69 -31.58 26.79 13.86
C ALA D 69 -31.15 25.59 13.02
N GLY D 70 -29.93 25.64 12.50
CA GLY D 70 -29.45 24.54 11.67
C GLY D 70 -29.81 24.75 10.21
N TYR D 71 -29.13 24.02 9.34
CA TYR D 71 -29.37 24.17 7.89
C TYR D 71 -30.44 23.19 7.42
N GLN D 72 -31.54 23.72 6.90
CA GLN D 72 -32.62 22.93 6.35
C GLN D 72 -32.10 22.20 5.14
N VAL D 73 -32.39 20.90 5.10
CA VAL D 73 -32.06 20.05 3.98
C VAL D 73 -33.13 20.19 2.91
N GLU D 74 -32.65 20.35 1.67
CA GLU D 74 -33.46 20.55 0.47
C GLU D 74 -33.61 19.24 -0.31
N LYS D 75 -32.56 18.42 -0.45
CA LYS D 75 -32.70 17.10 -1.08
C LYS D 75 -32.06 16.01 -0.23
N VAL D 76 -32.64 14.81 -0.33
CA VAL D 76 -32.09 13.57 0.18
C VAL D 76 -32.00 12.60 -0.99
N ILE D 77 -30.80 12.01 -1.21
CA ILE D 77 -30.61 11.06 -2.28
C ILE D 77 -29.92 9.82 -1.73
N SER D 78 -30.68 8.73 -1.71
CA SER D 78 -30.16 7.42 -1.34
C SER D 78 -29.44 6.86 -2.54
N HIS D 79 -28.37 6.12 -2.33
CA HIS D 79 -27.79 5.47 -3.48
C HIS D 79 -28.88 4.63 -4.12
N PRO D 80 -28.98 4.60 -5.46
CA PRO D 80 -30.05 3.81 -6.09
C PRO D 80 -29.89 2.31 -5.87
N ASN D 81 -28.67 1.82 -5.58
CA ASN D 81 -28.49 0.39 -5.34
C ASN D 81 -28.45 0.04 -3.85
N TYR D 82 -28.90 0.95 -3.00
CA TYR D 82 -28.86 0.68 -1.59
C TYR D 82 -29.74 -0.54 -1.30
N ASP D 83 -29.25 -1.47 -0.47
CA ASP D 83 -30.07 -2.59 0.01
C ASP D 83 -30.09 -2.58 1.54
N SER D 84 -31.26 -2.40 2.16
CA SER D 84 -31.39 -2.28 3.60
C SER D 84 -31.17 -3.59 4.36
N LYS D 85 -31.30 -4.74 3.69
CA LYS D 85 -31.10 -6.00 4.37
C LYS D 85 -29.61 -6.27 4.51
N THR D 86 -28.87 -6.09 3.42
CA THR D 86 -27.44 -6.30 3.43
C THR D 86 -26.64 -5.05 3.76
N LYS D 87 -27.28 -3.88 3.68
CA LYS D 87 -26.61 -2.60 3.90
C LYS D 87 -25.61 -2.30 2.80
N ASN D 88 -25.72 -3.02 1.69
CA ASN D 88 -24.84 -2.76 0.57
C ASN D 88 -25.19 -1.38 0.02
N ASN D 89 -24.17 -0.61 -0.39
CA ASN D 89 -24.32 0.68 -1.03
C ASN D 89 -24.96 1.68 -0.04
N ASP D 90 -24.45 1.66 1.20
CA ASP D 90 -25.03 2.41 2.29
C ASP D 90 -24.39 3.80 2.26
N ILE D 91 -24.85 4.61 1.32
CA ILE D 91 -24.41 5.99 1.18
C ILE D 91 -25.56 6.81 0.62
N ALA D 92 -25.55 8.09 1.01
CA ALA D 92 -26.59 9.02 0.64
C ALA D 92 -25.99 10.42 0.66
N LEU D 93 -26.64 11.31 -0.11
CA LEU D 93 -26.29 12.71 -0.13
C LEU D 93 -27.47 13.51 0.39
N MET D 94 -27.14 14.56 1.16
CA MET D 94 -28.07 15.63 1.46
C MET D 94 -27.58 16.94 0.87
N LYS D 95 -28.46 17.65 0.15
CA LYS D 95 -28.19 19.01 -0.29
C LYS D 95 -28.89 19.99 0.66
N LEU D 96 -28.15 20.98 1.15
CA LEU D 96 -28.73 22.05 1.95
C LEU D 96 -29.48 23.04 1.06
N GLN D 97 -30.55 23.63 1.60
CA GLN D 97 -31.29 24.64 0.88
C GLN D 97 -30.45 25.91 0.80
N LYS D 98 -29.59 26.19 1.78
CA LYS D 98 -28.74 27.37 1.76
C LYS D 98 -27.29 26.94 1.96
N PRO D 99 -26.30 27.52 1.24
CA PRO D 99 -24.88 27.21 1.46
C PRO D 99 -24.31 27.51 2.85
N LEU D 100 -23.51 26.56 3.36
CA LEU D 100 -22.74 26.79 4.56
C LEU D 100 -21.76 27.92 4.25
N THR D 101 -21.42 28.66 5.30
CA THR D 101 -20.35 29.68 5.16
C THR D 101 -19.13 29.01 5.80
N PHE D 102 -18.09 28.78 5.02
CA PHE D 102 -16.92 28.03 5.55
C PHE D 102 -16.06 28.95 6.44
N ASN D 103 -15.55 28.39 7.53
CA ASN D 103 -14.69 29.15 8.47
C ASN D 103 -13.61 28.21 8.97
N ASP D 104 -13.12 28.43 10.19
CA ASP D 104 -12.07 27.56 10.76
C ASP D 104 -12.72 26.34 11.40
N LEU D 105 -14.03 26.36 11.61
CA LEU D 105 -14.70 25.25 12.33
C LEU D 105 -15.63 24.50 11.37
N VAL D 106 -15.81 25.01 10.16
CA VAL D 106 -16.72 24.43 9.20
C VAL D 106 -16.03 24.49 7.85
N LYS D 107 -15.59 23.31 7.36
CA LYS D 107 -14.89 23.21 6.09
C LYS D 107 -15.12 21.81 5.51
N PRO D 108 -14.86 21.56 4.21
CA PRO D 108 -15.04 20.23 3.63
C PRO D 108 -13.85 19.28 3.78
N VAL D 109 -14.18 17.99 3.66
CA VAL D 109 -13.22 16.92 3.55
C VAL D 109 -13.15 16.62 2.06
N CYS D 110 -11.99 16.15 1.56
CA CYS D 110 -11.85 15.81 0.16
C CYS D 110 -12.49 14.45 -0.10
N LEU D 111 -13.25 14.37 -1.20
CA LEU D 111 -13.64 13.09 -1.74
C LEU D 111 -12.38 12.31 -2.10
N PRO D 112 -12.40 10.98 -1.87
CA PRO D 112 -11.29 10.11 -2.26
C PRO D 112 -11.21 9.91 -3.78
N ASN D 113 -9.99 10.01 -4.30
CA ASN D 113 -9.71 9.79 -5.70
C ASN D 113 -9.38 8.32 -5.88
N PRO D 114 -9.49 7.74 -7.08
CA PRO D 114 -8.90 6.42 -7.30
C PRO D 114 -7.39 6.59 -7.13
N GLY D 115 -6.74 5.48 -6.79
CA GLY D 115 -5.29 5.44 -6.69
C GLY D 115 -4.73 6.16 -5.46
N MET D 116 -5.48 6.13 -4.35
CA MET D 116 -5.00 6.65 -3.08
C MET D 116 -3.83 5.82 -2.52
N MET D 117 -3.80 4.51 -2.86
CA MET D 117 -2.71 3.62 -2.51
C MET D 117 -2.55 3.57 -1.00
N LEU D 118 -3.66 3.34 -0.31
CA LEU D 118 -3.70 3.36 1.13
C LEU D 118 -3.02 2.11 1.68
N GLN D 119 -2.35 2.23 2.81
CA GLN D 119 -1.80 1.04 3.47
C GLN D 119 -2.94 0.08 3.80
N PRO D 120 -2.69 -1.26 3.80
CA PRO D 120 -3.72 -2.21 4.22
C PRO D 120 -4.32 -1.92 5.60
N GLU D 121 -3.51 -1.31 6.49
CA GLU D 121 -3.93 -1.04 7.85
C GLU D 121 -3.77 0.45 8.07
N GLN D 122 -4.11 1.20 7.03
CA GLN D 122 -4.03 2.64 7.08
C GLN D 122 -4.64 3.16 8.38
N LEU D 123 -3.94 4.11 8.99
CA LEU D 123 -4.48 4.80 10.14
C LEU D 123 -5.53 5.84 9.70
N CYS D 124 -6.68 5.77 10.36
CA CYS D 124 -7.84 6.59 10.07
C CYS D 124 -8.40 7.08 11.39
N TRP D 125 -9.34 8.04 11.26
CA TRP D 125 -10.09 8.56 12.36
C TRP D 125 -11.57 8.46 12.04
N ILE D 126 -12.33 8.16 13.09
CA ILE D 126 -13.77 8.28 13.12
C ILE D 126 -14.16 9.39 14.10
N SER D 127 -15.31 10.03 13.84
CA SER D 127 -15.91 11.03 14.70
C SER D 127 -17.43 10.89 14.68
N GLY D 128 -18.07 11.38 15.76
CA GLY D 128 -19.51 11.45 15.84
C GLY D 128 -20.04 11.58 17.26
N TRP D 129 -21.38 11.72 17.33
CA TRP D 129 -22.14 11.86 18.58
C TRP D 129 -22.79 10.52 18.94
N GLY D 130 -22.27 9.43 18.34
CA GLY D 130 -22.74 8.10 18.67
C GLY D 130 -22.56 7.76 20.16
N ALA D 131 -23.19 6.67 20.57
CA ALA D 131 -23.01 6.10 21.88
C ALA D 131 -21.53 5.82 22.12
N THR D 132 -21.14 6.03 23.37
CA THR D 132 -19.78 5.78 23.83
C THR D 132 -19.71 4.39 24.48
N GLU D 133 -20.84 3.68 24.49
CA GLU D 133 -20.90 2.28 24.84
C GLU D 133 -22.10 1.67 24.12
N GLU D 134 -22.08 0.35 23.94
CA GLU D 134 -23.13 -0.36 23.24
C GLU D 134 -24.47 -0.13 23.93
N LYS D 135 -25.50 0.18 23.14
CA LYS D 135 -26.86 0.38 23.62
C LYS D 135 -27.00 1.72 24.36
N GLY D 136 -25.94 2.53 24.45
CA GLY D 136 -25.97 3.79 25.16
C GLY D 136 -26.66 4.91 24.36
N LYS D 137 -26.90 6.04 25.04
CA LYS D 137 -27.55 7.20 24.43
C LYS D 137 -26.54 7.97 23.56
N THR D 138 -27.09 8.74 22.62
CA THR D 138 -26.33 9.74 21.90
C THR D 138 -25.40 10.51 22.84
N SER D 139 -24.17 10.75 22.38
CA SER D 139 -23.20 11.57 23.08
C SER D 139 -23.57 13.04 22.94
N GLU D 140 -23.41 13.77 24.04
CA GLU D 140 -23.66 15.21 24.08
C GLU D 140 -22.56 15.92 23.31
N VAL D 141 -21.34 15.41 23.35
CA VAL D 141 -20.19 16.05 22.73
C VAL D 141 -19.63 15.17 21.61
N LEU D 142 -19.10 15.82 20.57
CA LEU D 142 -18.41 15.11 19.52
C LEU D 142 -17.20 14.36 20.07
N ASN D 143 -17.09 13.08 19.67
CA ASN D 143 -15.96 12.23 20.02
C ASN D 143 -15.25 11.83 18.74
N ALA D 144 -14.00 11.39 18.88
CA ALA D 144 -13.23 10.94 17.75
C ALA D 144 -12.26 9.88 18.24
N ALA D 145 -11.80 9.02 17.33
CA ALA D 145 -10.93 7.91 17.70
C ALA D 145 -10.11 7.45 16.51
N LYS D 146 -8.93 6.89 16.80
CA LYS D 146 -8.09 6.31 15.78
C LYS D 146 -8.60 4.90 15.57
N VAL D 147 -8.60 4.47 14.32
CA VAL D 147 -8.95 3.11 13.95
C VAL D 147 -8.09 2.78 12.77
N LEU D 148 -7.87 1.50 12.53
CA LEU D 148 -7.07 1.11 11.39
C LEU D 148 -7.96 0.42 10.38
N LEU D 149 -7.65 0.59 9.10
CA LEU D 149 -8.31 -0.25 8.11
C LEU D 149 -8.01 -1.72 8.41
N ILE D 150 -9.01 -2.56 8.14
CA ILE D 150 -8.89 -3.99 8.22
C ILE D 150 -9.22 -4.53 6.85
N GLU D 151 -8.28 -5.24 6.24
CA GLU D 151 -8.46 -5.75 4.89
C GLU D 151 -9.69 -6.64 4.86
N THR D 152 -10.35 -6.60 3.72
CA THR D 152 -11.67 -7.14 3.57
C THR D 152 -11.66 -8.66 3.63
N GLN D 153 -10.61 -9.29 3.10
CA GLN D 153 -10.49 -10.76 3.11
C GLN D 153 -10.49 -11.23 4.56
N ARG D 154 -9.75 -10.50 5.40
CA ARG D 154 -9.65 -10.83 6.81
C ARG D 154 -10.98 -10.56 7.52
N CYS D 155 -11.61 -9.43 7.17
CA CYS D 155 -12.91 -9.05 7.69
C CYS D 155 -14.00 -10.03 7.29
N ASN D 156 -13.82 -10.70 6.17
CA ASN D 156 -14.81 -11.68 5.73
C ASN D 156 -14.60 -13.06 6.35
N SER D 157 -13.58 -13.21 7.21
CA SER D 157 -13.34 -14.43 7.97
C SER D 157 -14.63 -14.91 8.63
N ARG D 158 -14.84 -16.23 8.61
CA ARG D 158 -15.98 -16.78 9.31
C ARG D 158 -15.98 -16.30 10.75
N TYR D 159 -14.84 -15.91 11.31
CA TYR D 159 -14.80 -15.49 12.73
C TYR D 159 -15.11 -14.01 12.89
N VAL D 160 -15.27 -13.31 11.77
CA VAL D 160 -15.59 -11.86 11.82
C VAL D 160 -16.94 -11.62 11.13
N TYR D 161 -16.95 -11.22 9.86
CA TYR D 161 -18.22 -10.86 9.18
C TYR D 161 -18.66 -11.98 8.24
N ASP D 162 -17.80 -12.96 7.93
CA ASP D 162 -18.28 -14.20 7.33
C ASP D 162 -18.97 -13.93 5.99
N ASN D 163 -18.19 -13.30 5.12
CA ASN D 163 -18.51 -13.04 3.71
C ASN D 163 -19.54 -11.96 3.51
N LEU D 164 -19.93 -11.22 4.56
CA LEU D 164 -20.92 -10.14 4.44
C LEU D 164 -20.30 -8.83 3.92
N ILE D 165 -18.97 -8.73 3.85
CA ILE D 165 -18.33 -7.48 3.46
C ILE D 165 -18.13 -7.48 1.95
N THR D 166 -18.86 -6.61 1.26
CA THR D 166 -18.88 -6.48 -0.18
C THR D 166 -17.88 -5.44 -0.62
N PRO D 167 -17.61 -5.28 -1.94
CA PRO D 167 -16.71 -4.24 -2.44
C PRO D 167 -17.09 -2.79 -2.14
N ALA D 168 -18.36 -2.58 -1.76
CA ALA D 168 -18.90 -1.26 -1.47
C ALA D 168 -18.74 -0.94 0.02
N MET D 169 -18.06 -1.85 0.73
CA MET D 169 -17.82 -1.75 2.17
C MET D 169 -16.31 -1.80 2.46
N ILE D 170 -15.94 -1.15 3.56
CA ILE D 170 -14.65 -1.40 4.16
C ILE D 170 -14.81 -1.58 5.67
N CYS D 171 -13.89 -2.34 6.26
CA CYS D 171 -13.83 -2.48 7.70
C CYS D 171 -12.69 -1.66 8.26
N ALA D 172 -12.94 -1.11 9.44
CA ALA D 172 -11.94 -0.36 10.17
C ALA D 172 -12.24 -0.57 11.64
N GLY D 173 -11.17 -0.46 12.43
CA GLY D 173 -11.25 -0.66 13.86
C GLY D 173 -10.15 -1.59 14.32
N PHE D 174 -10.52 -2.50 15.22
CA PHE D 174 -9.59 -3.39 15.89
C PHE D 174 -10.34 -4.70 16.09
N LEU D 175 -9.74 -5.81 15.67
CA LEU D 175 -10.34 -7.12 15.92
C LEU D 175 -10.37 -7.46 17.43
N GLN D 176 -9.60 -6.74 18.27
CA GLN D 176 -9.68 -6.93 19.70
C GLN D 176 -10.82 -6.10 20.29
N GLY D 177 -11.46 -5.23 19.50
CA GLY D 177 -12.54 -4.41 20.02
C GLY D 177 -12.07 -3.11 20.65
N ASN D 178 -12.85 -2.59 21.62
CA ASN D 178 -12.46 -1.51 22.53
C ASN D 178 -12.64 -0.13 21.89
N VAL D 179 -12.29 0.01 20.61
CA VAL D 179 -12.41 1.29 19.92
C VAL D 179 -13.19 1.05 18.64
N ASP D 180 -14.31 1.77 18.49
CA ASP D 180 -15.20 1.56 17.38
C ASP D 180 -16.17 2.73 17.27
N SER D 181 -16.88 2.78 16.15
CA SER D 181 -18.08 3.61 16.05
C SER D 181 -19.26 2.84 16.62
N CYS D 182 -20.38 3.55 16.80
CA CYS D 182 -21.54 2.97 17.43
C CYS D 182 -22.80 3.65 16.85
N GLN D 183 -23.95 3.21 17.31
CA GLN D 183 -25.22 3.79 16.91
C GLN D 183 -25.15 5.31 17.09
N GLY D 184 -25.60 6.04 16.07
CA GLY D 184 -25.61 7.49 16.07
C GLY D 184 -24.39 8.08 15.35
N ASP D 185 -23.33 7.29 15.19
CA ASP D 185 -22.19 7.68 14.39
C ASP D 185 -22.45 7.43 12.91
N SER D 186 -23.51 6.66 12.59
CA SER D 186 -23.86 6.31 11.22
C SER D 186 -23.91 7.56 10.38
N GLY D 187 -23.27 7.47 9.21
CA GLY D 187 -23.32 8.49 8.19
C GLY D 187 -22.08 9.37 8.27
N GLY D 188 -21.45 9.31 9.42
CA GLY D 188 -20.33 10.18 9.68
C GLY D 188 -19.04 9.69 9.03
N PRO D 189 -17.98 10.51 9.20
CA PRO D 189 -16.70 10.26 8.55
C PRO D 189 -15.80 9.17 9.14
N LEU D 190 -15.14 8.47 8.21
CA LEU D 190 -13.91 7.75 8.40
C LEU D 190 -12.92 8.43 7.46
N VAL D 191 -11.89 9.04 8.02
CA VAL D 191 -11.01 9.87 7.22
C VAL D 191 -9.58 9.42 7.48
N THR D 192 -8.72 9.68 6.50
CA THR D 192 -7.30 9.41 6.62
C THR D 192 -6.56 10.65 6.14
N SER D 193 -5.37 10.84 6.69
CA SER D 193 -4.50 11.93 6.27
C SER D 193 -3.47 11.32 5.32
N LYS D 194 -3.37 11.84 4.10
CA LYS D 194 -2.33 11.43 3.18
C LYS D 194 -2.00 12.65 2.33
N ASN D 195 -0.69 12.82 2.07
CA ASN D 195 -0.18 13.90 1.25
C ASN D 195 -0.63 15.22 1.87
N ASN D 196 -0.75 15.24 3.20
CA ASN D 196 -1.22 16.41 3.95
C ASN D 196 -2.66 16.78 3.59
N ILE D 197 -3.46 15.85 3.09
CA ILE D 197 -4.88 16.11 2.90
C ILE D 197 -5.71 15.10 3.70
N TRP D 198 -6.80 15.57 4.28
CA TRP D 198 -7.82 14.68 4.85
C TRP D 198 -8.81 14.23 3.78
N TRP D 199 -8.88 12.90 3.63
CA TRP D 199 -9.69 12.23 2.62
C TRP D 199 -10.84 11.52 3.29
N LEU D 200 -12.04 11.60 2.72
CA LEU D 200 -13.16 10.86 3.25
C LEU D 200 -13.10 9.44 2.66
N ILE D 201 -12.76 8.48 3.50
CA ILE D 201 -12.53 7.11 3.06
C ILE D 201 -13.83 6.32 3.25
N GLY D 202 -14.53 6.56 4.35
CA GLY D 202 -15.77 5.83 4.58
C GLY D 202 -16.85 6.67 5.23
N ASP D 203 -18.08 6.14 5.17
CA ASP D 203 -19.21 6.61 5.96
C ASP D 203 -19.69 5.44 6.81
N THR D 204 -19.73 5.67 8.12
CA THR D 204 -20.13 4.70 9.13
C THR D 204 -21.46 4.04 8.76
N SER D 205 -21.43 2.72 8.60
CA SER D 205 -22.57 2.03 8.02
C SER D 205 -23.18 1.09 9.04
N TRP D 206 -22.42 0.08 9.50
CA TRP D 206 -22.96 -0.93 10.38
C TRP D 206 -21.84 -1.64 11.15
N GLY D 207 -22.30 -2.45 12.10
CA GLY D 207 -21.48 -3.33 12.89
C GLY D 207 -22.36 -4.15 13.82
N SER D 208 -21.81 -5.21 14.36
CA SER D 208 -22.51 -6.10 15.27
C SER D 208 -22.16 -5.70 16.70
N GLY D 209 -23.12 -5.05 17.39
CA GLY D 209 -22.79 -4.37 18.63
C GLY D 209 -21.73 -3.29 18.35
N CYS D 210 -21.02 -2.85 19.39
CA CYS D 210 -20.03 -1.78 19.27
C CYS D 210 -18.83 -2.21 20.10
N ALA D 211 -17.64 -2.11 19.49
CA ALA D 211 -16.37 -2.26 20.19
C ALA D 211 -16.18 -3.71 20.68
N LYS D 212 -16.97 -4.65 20.14
CA LYS D 212 -16.85 -6.06 20.45
CA LYS D 212 -16.83 -6.04 20.48
C LYS D 212 -15.69 -6.64 19.64
N ALA D 213 -15.00 -7.63 20.23
CA ALA D 213 -13.90 -8.31 19.57
C ALA D 213 -14.47 -9.09 18.37
N TYR D 214 -13.73 -9.11 17.25
CA TYR D 214 -14.12 -9.84 16.05
C TYR D 214 -15.33 -9.20 15.39
N ARG D 215 -15.71 -7.98 15.83
CA ARG D 215 -16.89 -7.30 15.29
C ARG D 215 -16.51 -5.85 15.05
N PRO D 216 -15.65 -5.57 14.06
CA PRO D 216 -15.19 -4.22 13.79
C PRO D 216 -16.28 -3.44 13.06
N GLY D 217 -16.00 -2.14 12.86
CA GLY D 217 -16.86 -1.20 12.14
C GLY D 217 -16.86 -1.44 10.64
N VAL D 218 -18.04 -1.33 10.05
CA VAL D 218 -18.17 -1.38 8.60
C VAL D 218 -18.66 -0.02 8.10
N TYR D 219 -17.98 0.43 7.07
CA TYR D 219 -18.16 1.73 6.50
C TYR D 219 -18.44 1.56 5.03
N GLY D 220 -19.27 2.48 4.52
CA GLY D 220 -19.46 2.61 3.10
C GLY D 220 -18.14 2.99 2.47
N ASN D 221 -17.79 2.28 1.40
CA ASN D 221 -16.52 2.52 0.72
C ASN D 221 -16.72 3.69 -0.25
N VAL D 222 -16.39 4.90 0.23
CA VAL D 222 -16.77 6.11 -0.45
C VAL D 222 -16.13 6.22 -1.83
N MET D 223 -14.88 5.75 -1.96
CA MET D 223 -14.12 5.80 -3.21
C MET D 223 -14.94 5.14 -4.31
N VAL D 224 -15.75 4.12 -3.95
CA VAL D 224 -16.53 3.38 -4.94
C VAL D 224 -17.63 4.28 -5.49
N PHE D 225 -17.96 5.36 -4.76
CA PHE D 225 -19.15 6.13 -5.01
C PHE D 225 -18.81 7.55 -5.42
N THR D 226 -17.53 7.86 -5.56
CA THR D 226 -17.11 9.22 -5.88
C THR D 226 -17.74 9.72 -7.17
N ASP D 227 -17.76 8.87 -8.22
CA ASP D 227 -18.23 9.29 -9.52
CA ASP D 227 -18.23 9.28 -9.53
C ASP D 227 -19.74 9.47 -9.47
N TRP D 228 -20.43 8.58 -8.74
CA TRP D 228 -21.85 8.77 -8.49
C TRP D 228 -22.13 10.12 -7.81
N ILE D 229 -21.29 10.51 -6.84
CA ILE D 229 -21.50 11.75 -6.13
C ILE D 229 -21.33 12.92 -7.07
N TYR D 230 -20.27 12.88 -7.90
CA TYR D 230 -20.01 13.85 -8.95
C TYR D 230 -21.24 14.02 -9.83
N ARG D 231 -21.70 12.91 -10.41
CA ARG D 231 -22.89 12.88 -11.26
C ARG D 231 -24.10 13.52 -10.55
N GLN D 232 -24.32 13.20 -9.28
CA GLN D 232 -25.48 13.73 -8.56
C GLN D 232 -25.37 15.24 -8.40
N MET D 233 -24.16 15.69 -8.10
CA MET D 233 -23.95 17.12 -7.89
C MET D 233 -24.11 17.84 -9.23
N ARG D 234 -23.67 17.18 -10.30
CA ARG D 234 -23.75 17.75 -11.65
C ARG D 234 -25.20 17.90 -12.10
N ALA D 235 -25.99 16.83 -11.95
CA ALA D 235 -27.41 16.84 -12.32
C ALA D 235 -28.17 18.01 -11.70
N ASP D 236 -27.92 18.19 -10.39
CA ASP D 236 -28.54 19.23 -9.61
C ASP D 236 -28.33 20.61 -10.25
N GLY D 237 -27.15 20.85 -10.80
CA GLY D 237 -26.79 22.16 -11.32
C GLY D 237 -27.09 22.35 -12.81
N GLU D 238 -27.70 21.35 -13.48
CA GLU D 238 -27.80 21.42 -14.92
C GLU D 238 -29.24 21.40 -15.43
N PHE D 239 -29.42 21.99 -16.63
CA PHE D 239 -30.73 22.00 -17.28
C PHE D 239 -30.99 20.67 -18.00
N VAL D 240 -29.97 20.19 -18.69
CA VAL D 240 -30.03 19.04 -19.57
C VAL D 240 -28.69 18.32 -19.41
N GLU D 241 -28.74 17.02 -19.09
CA GLU D 241 -27.59 16.16 -18.89
C GLU D 241 -27.04 15.70 -20.24
N HIS D 242 -27.94 15.25 -21.12
CA HIS D 242 -27.54 14.60 -22.35
C HIS D 242 -27.90 15.55 -23.47
N HIS D 243 -26.95 15.74 -24.40
CA HIS D 243 -27.21 16.64 -25.52
C HIS D 243 -27.39 15.80 -26.79
C1 NAG E . -1.07 -35.38 22.72
C2 NAG E . -2.20 -36.18 22.06
C3 NAG E . -2.71 -37.23 23.05
C4 NAG E . -1.55 -38.09 23.51
C5 NAG E . -0.54 -37.19 24.23
C6 NAG E . 0.67 -37.93 24.81
C7 NAG E . -3.55 -35.23 20.22
C8 NAG E . -4.85 -34.59 19.84
N2 NAG E . -3.27 -35.35 21.53
O3 NAG E . -3.75 -38.02 22.50
O4 NAG E . -2.07 -39.12 24.37
O5 NAG E . -0.05 -36.20 23.29
O6 NAG E . 1.80 -37.96 23.94
O7 NAG E . -2.77 -35.64 19.37
C1 NAG E . -1.65 -40.48 24.08
C2 NAG E . -1.72 -41.29 25.37
C3 NAG E . -1.24 -42.71 25.13
C4 NAG E . -2.08 -43.34 24.01
C5 NAG E . -1.99 -42.48 22.76
C6 NAG E . -2.87 -42.98 21.64
C7 NAG E . -1.43 -39.57 27.12
C8 NAG E . -2.90 -39.43 27.36
N2 NAG E . -1.01 -40.65 26.45
O3 NAG E . -1.32 -43.50 26.30
O4 NAG E . -1.58 -44.66 23.76
O5 NAG E . -2.42 -41.13 23.08
O6 NAG E . -4.25 -42.78 21.94
O7 NAG E . -0.63 -38.74 27.54
C1 NAG F . -5.57 18.82 -34.80
C2 NAG F . -5.30 17.51 -35.53
C3 NAG F . -5.37 17.66 -37.04
C4 NAG F . -6.55 18.49 -37.53
C5 NAG F . -6.71 19.76 -36.69
C6 NAG F . -8.00 20.50 -36.98
C7 NAG F . -3.83 16.08 -34.17
C8 NAG F . -2.45 16.03 -33.59
N2 NAG F . -4.02 16.95 -35.16
O3 NAG F . -5.46 16.34 -37.55
O4 NAG F . -6.30 18.84 -38.89
O5 NAG F . -6.74 19.45 -35.28
O6 NAG F . -9.07 19.60 -37.27
O7 NAG F . -4.74 15.36 -33.75
C1 NAG F . -7.32 18.38 -39.83
C2 NAG F . -6.97 18.85 -41.25
C3 NAG F . -7.72 18.10 -42.35
C4 NAG F . -7.99 16.64 -42.02
C5 NAG F . -8.53 16.52 -40.60
C6 NAG F . -8.90 15.12 -40.20
C7 NAG F . -6.75 21.24 -40.69
C8 NAG F . -7.72 22.29 -40.23
N2 NAG F . -7.27 20.26 -41.44
O3 NAG F . -6.95 18.17 -43.54
O4 NAG F . -8.93 16.15 -42.98
O5 NAG F . -7.48 16.98 -39.73
O6 NAG F . -7.81 14.23 -40.45
O7 NAG F . -5.55 21.29 -40.43
C1 FUC F . -10.36 20.08 -36.83
C2 FUC F . -11.36 19.14 -37.46
C3 FUC F . -11.22 17.74 -36.89
C4 FUC F . -11.29 17.75 -35.35
C5 FUC F . -10.31 18.79 -34.81
C6 FUC F . -10.36 18.97 -33.31
O2 FUC F . -11.15 19.10 -38.87
O3 FUC F . -12.26 16.94 -37.46
O4 FUC F . -12.61 18.05 -34.91
O5 FUC F . -10.60 20.07 -35.41
C TAM G . 9.50 -25.59 24.71
C1 TAM G . 8.76 -26.26 25.91
C2 TAM G . 9.37 -26.51 23.45
C3 TAM G . 8.86 -24.20 24.45
C4 TAM G . 7.26 -26.16 25.97
C5 TAM G . 10.56 -27.42 23.12
C6 TAM G . 8.63 -23.36 25.69
N TAM G . 10.93 -25.35 25.08
O4 TAM G . 6.72 -27.45 26.25
O5 TAM G . 10.31 -28.83 22.90
O6 TAM G . 7.27 -23.06 25.90
UNK UNX H . 12.18 -14.81 6.53
C1 EDO I . 25.49 -15.22 21.54
O1 EDO I . 25.25 -16.30 20.66
C2 EDO I . 24.76 -13.98 21.14
O2 EDO I . 23.48 -13.87 21.74
C1 EDO J . 15.53 -24.91 15.80
O1 EDO J . 14.18 -25.16 16.04
C2 EDO J . 16.11 -24.37 17.04
O2 EDO J . 16.95 -25.26 17.74
C1 EDO K . -16.42 -14.86 16.53
O1 EDO K . -15.01 -14.77 16.55
C2 EDO K . -16.93 -16.20 16.15
O2 EDO K . -18.22 -16.11 15.54
C1 EDO L . -1.08 -13.09 1.13
O1 EDO L . -0.57 -13.72 -0.03
C2 EDO L . -1.13 -13.99 2.34
O2 EDO L . -1.40 -13.33 3.54
C1 EDO M . 21.52 -15.48 10.65
O1 EDO M . 21.21 -16.68 9.92
C2 EDO M . 22.97 -15.15 10.84
O2 EDO M . 23.25 -13.75 10.77
C TAM N . 31.92 -8.01 -13.58
C1 TAM N . 31.62 -8.87 -14.84
C2 TAM N . 32.06 -8.92 -12.34
C3 TAM N . 30.72 -7.05 -13.31
C4 TAM N . 32.69 -8.92 -15.90
C5 TAM N . 33.39 -9.60 -12.22
C6 TAM N . 29.35 -7.68 -13.27
N TAM N . 33.11 -7.11 -13.79
O4 TAM N . 33.88 -9.52 -15.44
O5 TAM N . 33.44 -10.55 -11.14
O6 TAM N . 28.53 -6.53 -13.14
C4 7R8 O . 23.95 -6.70 -15.55
C3 7R8 O . 22.75 -6.18 -15.92
C2 7R8 O . 22.61 -5.47 -17.15
C1 7R8 O . 23.72 -5.33 -17.96
O1 7R8 O . 28.67 -7.49 -16.49
C6 7R8 O . 24.99 -5.87 -17.60
C10 7R8 O . 26.13 -5.73 -18.42
C9 7R8 O . 27.34 -6.27 -18.07
C8 7R8 O . 27.46 -6.97 -16.84
C7 7R8 O . 26.37 -7.14 -16.03
C5 7R8 O . 25.10 -6.58 -16.39
C11 7R8 O . 21.31 -4.84 -17.54
N2 7R8 O . 21.01 -4.38 -18.72
N1 7R8 O . 20.36 -4.66 -16.61
C TAM P . 28.51 9.41 4.89
C1 TAM P . 28.05 8.77 6.25
C2 TAM P . 30.06 9.68 5.00
C3 TAM P . 28.18 8.39 3.75
C4 TAM P . 28.81 7.52 6.65
C5 TAM P . 30.54 10.55 6.14
C6 TAM P . 29.31 7.94 2.85
N TAM P . 27.71 10.65 4.59
O4 TAM P . 29.69 7.71 7.76
O5 TAM P . 30.02 11.80 5.83
O6 TAM P . 29.34 8.61 1.59
C1 EDO Q . 34.59 -0.92 -14.48
O1 EDO Q . 35.21 0.28 -13.96
C2 EDO Q . 35.10 -1.38 -15.81
O2 EDO Q . 35.21 -0.35 -16.78
C1 EDO R . 38.95 -3.10 0.23
O1 EDO R . 38.77 -3.78 1.44
C2 EDO R . 39.02 -1.61 0.40
O2 EDO R . 38.28 -0.81 -0.54
C1 EDO S . 22.36 -15.51 -21.69
O1 EDO S . 21.29 -16.34 -21.26
C2 EDO S . 22.73 -14.48 -20.69
O2 EDO S . 24.09 -14.50 -20.27
C1 EDO T . 10.91 5.65 -0.91
O1 EDO T . 10.34 5.49 -2.21
C2 EDO T . 12.39 5.76 -0.94
O2 EDO T . 12.87 5.90 -2.27
C1 EDO U . 29.69 8.29 -13.85
O1 EDO U . 29.79 6.89 -13.57
C2 EDO U . 28.42 8.93 -13.41
O2 EDO U . 28.19 8.88 -11.99
C1 EDO V . 11.45 5.79 -18.23
O1 EDO V . 10.09 5.84 -17.83
C2 EDO V . 11.64 4.82 -19.32
O2 EDO V . 12.23 5.38 -20.49
C1 EDO W . 20.06 -24.10 -16.85
O1 EDO W . 20.73 -23.34 -17.85
C2 EDO W . 20.96 -24.86 -15.91
O2 EDO W . 20.90 -24.44 -14.54
C1 PEG X . -20.13 19.40 -18.16
O1 PEG X . -21.35 20.05 -18.49
C2 PEG X . -19.05 19.58 -19.22
O2 PEG X . -17.99 20.48 -18.84
C3 PEG X . -18.34 21.64 -18.06
C4 PEG X . -18.24 22.88 -18.91
O4 PEG X . -18.43 24.12 -18.24
C1 CIT Y . -18.39 14.65 -25.77
O1 CIT Y . -17.19 14.89 -25.98
O2 CIT Y . -19.04 15.12 -24.84
C2 CIT Y . -19.13 13.74 -26.72
C3 CIT Y . -18.56 12.32 -26.84
O7 CIT Y . -17.21 12.41 -27.28
C4 CIT Y . -18.60 11.58 -25.49
C5 CIT Y . -17.95 10.19 -25.49
O3 CIT Y . -16.73 10.10 -25.78
O4 CIT Y . -18.66 9.20 -25.21
C6 CIT Y . -19.43 11.57 -27.88
O5 CIT Y . -18.85 10.73 -28.61
O6 CIT Y . -20.67 11.84 -27.90
UNK UNX Z . -13.90 24.09 -26.21
C1 EDO AA . -14.66 26.66 -0.60
O1 EDO AA . -15.84 26.39 -1.41
C2 EDO AA . -14.04 25.38 -0.08
O2 EDO AA . -13.62 25.33 1.29
O1 PG4 BA . -1.71 23.40 -0.70
C1 PG4 BA . -2.21 22.07 -0.51
C2 PG4 BA . -1.29 21.18 0.31
O2 PG4 BA . -1.60 19.82 0.06
C3 PG4 BA . -0.54 19.04 -0.50
C4 PG4 BA . -1.02 18.02 -1.54
O3 PG4 BA . -2.06 18.52 -2.38
C5 PG4 BA . -1.64 19.35 -3.47
C6 PG4 BA . -1.45 18.54 -4.73
O4 PG4 BA . -1.24 19.39 -5.86
C7 PG4 BA . -0.21 18.96 -6.76
C8 PG4 BA . 1.17 19.38 -6.26
O5 PG4 BA . 1.34 20.80 -6.22
C1 CIT CA . -6.78 16.87 14.13
O1 CIT CA . -6.63 17.58 15.17
O2 CIT CA . -7.87 16.76 13.51
C2 CIT CA . -5.59 16.09 13.58
C3 CIT CA . -4.95 15.05 14.51
O7 CIT CA . -4.32 15.72 15.58
C4 CIT CA . -6.05 14.13 15.08
C5 CIT CA . -6.62 14.48 16.46
O3 CIT CA . -6.02 14.06 17.47
O4 CIT CA . -7.68 15.13 16.54
C6 CIT CA . -3.90 14.22 13.70
O5 CIT CA . -3.11 14.87 12.99
O6 CIT CA . -3.89 12.97 13.82
UNK UNX DA . -12.94 15.70 -6.37
C TAM EA . -30.38 4.93 13.72
C1 TAM EA . -30.92 4.80 12.26
C2 TAM EA . -30.36 3.52 14.37
C3 TAM EA . -28.93 5.51 13.68
C4 TAM EA . -31.25 6.12 11.63
C5 TAM EA . -31.34 3.42 15.50
C6 TAM EA . -27.95 4.70 12.92
N TAM EA . -31.18 5.86 14.59
O4 TAM EA . -32.53 6.19 10.93
O5 TAM EA . -32.58 4.08 15.21
O6 TAM EA . -26.82 4.72 13.77
C4 7R8 FA . -22.99 1.54 13.30
C3 7R8 FA . -21.73 1.08 13.51
C2 7R8 FA . -21.46 0.11 14.49
C1 7R8 FA . -22.51 -0.36 15.25
O1 7R8 FA . -27.71 1.52 14.48
C6 7R8 FA . -23.83 0.10 15.06
C10 7R8 FA . -24.92 -0.34 15.86
C9 7R8 FA . -26.19 0.14 15.68
C8 7R8 FA . -26.42 1.09 14.66
C7 7R8 FA . -25.40 1.54 13.87
C5 7R8 FA . -24.07 1.08 14.08
C11 7R8 FA . -20.07 -0.39 14.71
N2 7R8 FA . -19.06 0.26 14.12
N1 7R8 FA . -19.80 -1.47 15.41
C1 EDO GA . -7.28 -0.09 21.35
O1 EDO GA . -6.31 0.46 20.45
C2 EDO GA . -7.94 -1.33 20.81
O2 EDO GA . -7.48 -2.56 21.36
C1 EDO HA . -25.77 -7.65 7.27
O1 EDO HA . -25.22 -7.82 5.96
C2 EDO HA . -25.57 -6.26 7.78
O2 EDO HA . -26.77 -5.59 8.13
C1 EDO IA . -3.54 10.18 11.09
O1 EDO IA . -3.36 11.58 11.26
C2 EDO IA . -4.84 9.77 10.47
O2 EDO IA . -4.79 9.29 9.13
O1 PG4 JA . -7.33 -5.56 14.26
C1 PG4 JA . -6.30 -4.61 14.68
C2 PG4 JA . -6.33 -3.24 13.96
O2 PG4 JA . -6.94 -3.30 12.67
C3 PG4 JA . -6.11 -3.48 11.49
C4 PG4 JA . -5.68 -4.98 11.35
O3 PG4 JA . -6.48 -5.79 10.48
C5 PG4 JA . -5.73 -6.59 9.56
C6 PG4 JA . -5.95 -6.18 8.08
O4 PG4 JA . -4.97 -6.76 7.19
C7 PG4 JA . -3.88 -5.90 6.80
C8 PG4 JA . -2.73 -6.66 6.14
O5 PG4 JA . -1.40 -6.24 6.62
C1 EDO KA . -18.01 28.80 1.17
O1 EDO KA . -19.40 28.96 1.46
C2 EDO KA . -17.17 29.86 1.78
O2 EDO KA . -17.69 30.45 2.98
C1 EDO LA . -28.73 29.87 8.67
O1 EDO LA . -27.72 29.63 9.66
C2 EDO LA . -29.50 28.65 8.26
O2 EDO LA . -30.80 28.59 8.80
C1 EDO MA . -23.78 -11.79 17.84
O1 EDO MA . -24.82 -12.44 17.14
C2 EDO MA . -22.65 -11.51 16.92
O2 EDO MA . -21.96 -10.32 17.27
C1 EDO NA . -25.16 3.02 -10.08
O1 EDO NA . -25.62 2.38 -11.27
C2 EDO NA . -24.30 4.22 -10.34
O2 EDO NA . -25.07 5.37 -10.73
#